data_2O3E
#
_entry.id   2O3E
#
_cell.length_a   159.550
_cell.length_b   87.700
_cell.length_c   58.400
_cell.angle_alpha   90.00
_cell.angle_beta   90.00
_cell.angle_gamma   90.00
#
_symmetry.space_group_name_H-M   'P 21 21 2'
#
loop_
_entity.id
_entity.type
_entity.pdbx_description
1 polymer Neurolysin
2 non-polymer 'ZINC ION'
3 water water
#
_entity_poly.entity_id   1
_entity_poly.type   'polypeptide(L)'
_entity_poly.pdbx_seq_one_letter_code
;MTLGKELASPLQAMSSYTAAGRNVLRWDLSPEQIKTRTEQLIAQTKQVYDTVGTIALKEVTYENCLQVLADIEVTYIVER
TMLDFPQHVSSDREVRAASTEADKKLSRFDIEMSMREDVFQRIVHLQETCDLEKIKPEARRYLEKSIKMGKRNGLHLSEH
IRNEIKSMKKRMSELCIDFNKNLNEDDTSLVFSKAELGALPDDFIDSLEKTDEDKYKVTLKYPHYFPVMKKCCVPETRRK
MEMAFHTRCKQENTAILQQLLPLRAQVAKLLGYNTHADFVLELNTAKSTSRVAAFLDDLSQKLKPLGEAEREFILSLKKK
ECEERGFEYDGKINAWDLHYYMTQTEELKYSVDQESLKEYFPIEVVTEGLLSIYQELLGLSFEQVPDAHVWNKSVSLYTV
KDKATGEVLGQFYLDLYPREGKYNHAACFGLQPGCLLPDGSRMMSVAALVVNFSQPVAGRPSLLRHDEVETYFHEFGHVM
HQICAQTDFARFSGTNVERDFVEVPSQMLENWVWDVDSLRKLSKHYKDGHPITDELLEKLVASRLVNTGLLTLRQIVLSK
VDQSLHTNATLDAASEYAKYCTEILGVAATPGTNMPATFGHLAGGYDGQYYGYLWSEVFSMDMFHSCFKKEGIMNPEVGM
KYRNLILKPGGSLDGMDMLQNFLQREPNQKAFLMSRGL
;
_entity_poly.pdbx_strand_id   A
#
loop_
_chem_comp.id
_chem_comp.type
_chem_comp.name
_chem_comp.formula
ZN non-polymer 'ZINC ION' 'Zn 2'
#
# COMPACT_ATOMS: atom_id res chain seq x y z
N MET A 14 16.61 -17.46 24.08
CA MET A 14 15.26 -17.08 24.59
C MET A 14 14.12 -17.89 23.98
N SER A 15 13.38 -18.57 24.84
CA SER A 15 12.25 -19.41 24.44
C SER A 15 11.22 -18.78 23.51
N SER A 16 10.58 -19.63 22.71
CA SER A 16 9.55 -19.17 21.78
C SER A 16 8.20 -19.10 22.47
N TYR A 17 8.18 -19.35 23.78
CA TYR A 17 6.94 -19.34 24.53
C TYR A 17 6.82 -18.20 25.54
N THR A 18 7.57 -17.14 25.29
CA THR A 18 7.54 -15.95 26.14
C THR A 18 7.94 -14.78 25.26
N ALA A 19 7.66 -13.56 25.71
CA ALA A 19 8.03 -12.36 24.96
C ALA A 19 9.22 -11.71 25.68
N ALA A 20 9.52 -12.23 26.86
CA ALA A 20 10.61 -11.70 27.68
C ALA A 20 11.94 -11.55 26.97
N GLY A 21 12.44 -10.32 26.92
CA GLY A 21 13.72 -10.05 26.29
C GLY A 21 13.79 -10.19 24.78
N ARG A 22 12.68 -10.57 24.14
CA ARG A 22 12.70 -10.75 22.69
C ARG A 22 12.45 -9.46 21.90
N ASN A 23 12.07 -8.40 22.60
CA ASN A 23 11.84 -7.12 21.98
C ASN A 23 12.56 -6.03 22.77
N VAL A 24 13.75 -5.63 22.30
CA VAL A 24 14.51 -4.60 22.98
C VAL A 24 14.78 -3.40 22.06
N LEU A 25 13.84 -3.15 21.15
CA LEU A 25 13.98 -2.02 20.23
C LEU A 25 13.83 -0.75 21.07
N ARG A 26 14.75 0.20 20.91
CA ARG A 26 14.69 1.46 21.65
C ARG A 26 13.94 2.52 20.85
N TRP A 27 12.95 3.14 21.48
CA TRP A 27 12.14 4.18 20.84
C TRP A 27 12.41 5.56 21.45
N ASP A 28 13.45 5.66 22.28
CA ASP A 28 13.79 6.93 22.91
C ASP A 28 15.22 7.41 22.59
N LEU A 29 15.75 7.02 21.44
CA LEU A 29 17.10 7.44 21.08
C LEU A 29 17.12 8.93 20.71
N SER A 30 18.21 9.61 21.05
CA SER A 30 18.37 11.04 20.76
C SER A 30 18.96 11.23 19.37
N PRO A 31 18.92 12.45 18.83
CA PRO A 31 19.48 12.70 17.50
C PRO A 31 20.94 12.22 17.40
N GLU A 32 21.74 12.54 18.42
CA GLU A 32 23.14 12.15 18.42
C GLU A 32 23.34 10.64 18.45
N GLN A 33 22.48 9.93 19.17
CA GLN A 33 22.62 8.47 19.23
C GLN A 33 22.20 7.86 17.88
N ILE A 34 21.16 8.42 17.27
CA ILE A 34 20.73 7.91 15.98
C ILE A 34 21.89 8.08 15.00
N LYS A 35 22.52 9.25 15.05
CA LYS A 35 23.66 9.54 14.18
C LYS A 35 24.83 8.58 14.42
N THR A 36 25.18 8.37 15.68
CA THR A 36 26.27 7.45 16.02
C THR A 36 26.00 5.99 15.62
N ARG A 37 24.81 5.49 15.95
CA ARG A 37 24.46 4.11 15.63
C ARG A 37 24.44 3.85 14.13
N THR A 38 24.08 4.87 13.37
CA THR A 38 24.04 4.76 11.91
C THR A 38 25.47 4.56 11.40
N GLU A 39 26.38 5.43 11.86
CA GLU A 39 27.77 5.34 11.45
C GLU A 39 28.30 3.96 11.76
N GLN A 40 28.06 3.51 12.97
CA GLN A 40 28.52 2.20 13.41
C GLN A 40 27.86 1.03 12.66
N LEU A 41 26.58 1.14 12.35
CA LEU A 41 25.92 0.04 11.65
C LEU A 41 26.48 -0.11 10.25
N ILE A 42 26.66 1.01 9.56
CA ILE A 42 27.20 0.97 8.21
C ILE A 42 28.64 0.43 8.18
N ALA A 43 29.50 1.02 9.02
CA ALA A 43 30.90 0.60 9.11
C ALA A 43 31.05 -0.88 9.42
N GLN A 44 30.44 -1.32 10.52
CA GLN A 44 30.51 -2.71 10.94
C GLN A 44 29.86 -3.70 9.96
N THR A 45 28.80 -3.28 9.29
CA THR A 45 28.13 -4.16 8.34
C THR A 45 28.99 -4.32 7.09
N LYS A 46 29.63 -3.25 6.64
CA LYS A 46 30.48 -3.34 5.46
C LYS A 46 31.64 -4.32 5.71
N GLN A 47 32.19 -4.31 6.93
CA GLN A 47 33.29 -5.22 7.23
C GLN A 47 32.85 -6.65 6.96
N VAL A 48 31.58 -6.94 7.19
CA VAL A 48 31.12 -8.29 6.95
C VAL A 48 31.07 -8.59 5.45
N TYR A 49 30.61 -7.63 4.65
CA TYR A 49 30.56 -7.86 3.21
C TYR A 49 31.98 -7.87 2.64
N ASP A 50 32.89 -7.11 3.25
CA ASP A 50 34.27 -7.08 2.77
C ASP A 50 34.89 -8.45 2.95
N THR A 51 34.56 -9.09 4.07
CA THR A 51 35.09 -10.40 4.40
C THR A 51 34.56 -11.46 3.44
N VAL A 52 33.25 -11.42 3.15
CA VAL A 52 32.69 -12.40 2.24
C VAL A 52 33.20 -12.13 0.83
N GLY A 53 33.38 -10.85 0.49
CA GLY A 53 33.85 -10.48 -0.83
C GLY A 53 35.29 -10.84 -1.15
N THR A 54 36.05 -11.28 -0.13
CA THR A 54 37.44 -11.63 -0.33
C THR A 54 37.71 -13.13 -0.18
N ILE A 55 36.68 -13.91 0.09
CA ILE A 55 36.87 -15.35 0.22
C ILE A 55 37.31 -15.92 -1.12
N ALA A 56 38.32 -16.78 -1.10
CA ALA A 56 38.80 -17.39 -2.33
C ALA A 56 37.68 -18.26 -2.85
N LEU A 57 37.26 -18.00 -4.08
CA LEU A 57 36.17 -18.73 -4.71
C LEU A 57 36.20 -20.22 -4.43
N LYS A 58 37.38 -20.83 -4.49
CA LYS A 58 37.50 -22.26 -4.27
C LYS A 58 37.20 -22.70 -2.83
N GLU A 59 37.24 -21.75 -1.89
CA GLU A 59 36.98 -22.07 -0.49
C GLU A 59 35.63 -21.57 0.02
N VAL A 60 34.76 -21.15 -0.90
CA VAL A 60 33.45 -20.66 -0.51
C VAL A 60 32.58 -21.84 -0.06
N THR A 61 31.93 -21.68 1.08
CA THR A 61 31.07 -22.73 1.60
C THR A 61 29.74 -22.16 2.06
N TYR A 62 28.79 -23.05 2.36
CA TYR A 62 27.48 -22.66 2.82
C TYR A 62 27.63 -21.87 4.13
N GLU A 63 28.54 -22.34 5.00
CA GLU A 63 28.79 -21.71 6.30
C GLU A 63 29.52 -20.37 6.27
N ASN A 64 30.54 -20.22 5.43
CA ASN A 64 31.26 -18.94 5.40
C ASN A 64 30.73 -17.94 4.37
N CYS A 65 29.78 -18.36 3.54
CA CYS A 65 29.24 -17.44 2.54
C CYS A 65 27.74 -17.20 2.73
N LEU A 66 26.93 -18.23 2.51
CA LEU A 66 25.49 -18.11 2.63
C LEU A 66 25.04 -17.79 4.06
N GLN A 67 25.52 -18.56 5.03
CA GLN A 67 25.14 -18.34 6.42
C GLN A 67 25.61 -16.98 6.93
N VAL A 68 26.81 -16.56 6.55
CA VAL A 68 27.29 -15.25 7.01
C VAL A 68 26.42 -14.11 6.43
N LEU A 69 26.12 -14.18 5.14
CA LEU A 69 25.28 -13.16 4.50
C LEU A 69 23.89 -13.15 5.14
N ALA A 70 23.36 -14.34 5.42
CA ALA A 70 22.05 -14.46 6.05
C ALA A 70 22.05 -13.91 7.48
N ASP A 71 23.07 -14.23 8.27
CA ASP A 71 23.11 -13.75 9.65
C ASP A 71 23.18 -12.22 9.66
N ILE A 72 24.10 -11.66 8.88
CA ILE A 72 24.24 -10.20 8.84
C ILE A 72 22.95 -9.50 8.35
N GLU A 73 22.18 -10.16 7.50
CA GLU A 73 20.95 -9.56 6.99
C GLU A 73 19.94 -9.39 8.13
N VAL A 74 19.87 -10.37 9.02
CA VAL A 74 18.95 -10.26 10.15
C VAL A 74 19.41 -9.15 11.10
N THR A 75 20.67 -9.19 11.51
CA THR A 75 21.19 -8.18 12.44
C THR A 75 21.01 -6.76 11.93
N TYR A 76 21.34 -6.54 10.66
CA TYR A 76 21.22 -5.21 10.06
C TYR A 76 19.78 -4.69 10.04
N ILE A 77 18.85 -5.54 9.59
CA ILE A 77 17.45 -5.15 9.48
C ILE A 77 16.84 -4.71 10.81
N VAL A 78 17.21 -5.39 11.89
CA VAL A 78 16.68 -5.05 13.22
C VAL A 78 17.24 -3.71 13.71
N GLU A 79 18.56 -3.56 13.66
CA GLU A 79 19.19 -2.32 14.11
C GLU A 79 18.67 -1.14 13.27
N ARG A 80 18.49 -1.39 11.99
CA ARG A 80 18.01 -0.37 11.06
C ARG A 80 16.62 0.19 11.38
N THR A 81 15.72 -0.63 11.96
CA THR A 81 14.37 -0.13 12.27
C THR A 81 14.38 0.89 13.40
N MET A 82 15.27 0.72 14.38
CA MET A 82 15.36 1.68 15.47
C MET A 82 15.79 3.02 14.90
N LEU A 83 16.46 2.99 13.75
CA LEU A 83 16.95 4.22 13.15
C LEU A 83 16.08 4.86 12.07
N ASP A 84 15.31 4.06 11.32
CA ASP A 84 14.48 4.61 10.25
C ASP A 84 12.99 4.74 10.55
N PHE A 85 12.55 4.24 11.70
CA PHE A 85 11.15 4.32 12.08
C PHE A 85 10.73 5.60 12.84
N PRO A 86 11.63 6.18 13.66
CA PRO A 86 11.25 7.40 14.40
C PRO A 86 10.78 8.57 13.53
N GLN A 87 11.30 8.67 12.32
CA GLN A 87 10.92 9.74 11.42
C GLN A 87 9.41 9.72 11.17
N HIS A 88 8.78 8.57 11.42
CA HIS A 88 7.34 8.45 11.16
C HIS A 88 6.45 8.61 12.37
N VAL A 89 7.01 8.45 13.57
CA VAL A 89 6.19 8.52 14.77
C VAL A 89 6.66 9.39 15.94
N SER A 90 7.94 9.71 16.03
CA SER A 90 8.46 10.52 17.14
C SER A 90 7.83 11.90 17.28
N SER A 91 7.73 12.37 18.53
CA SER A 91 7.17 13.69 18.84
C SER A 91 8.21 14.79 18.76
N ASP A 92 9.48 14.38 18.72
CA ASP A 92 10.59 15.32 18.69
C ASP A 92 11.09 15.55 17.26
N ARG A 93 10.91 16.77 16.76
CA ARG A 93 11.32 17.13 15.40
C ARG A 93 12.79 16.84 15.13
N GLU A 94 13.63 16.97 16.17
CA GLU A 94 15.06 16.72 16.03
C GLU A 94 15.29 15.24 15.78
N VAL A 95 14.60 14.41 16.54
CA VAL A 95 14.69 12.96 16.40
C VAL A 95 14.24 12.60 14.99
N ARG A 96 13.08 13.11 14.59
CA ARG A 96 12.57 12.81 13.25
C ARG A 96 13.55 13.14 12.15
N ALA A 97 14.16 14.32 12.23
CA ALA A 97 15.11 14.74 11.20
C ALA A 97 16.33 13.83 11.19
N ALA A 98 16.77 13.44 12.38
CA ALA A 98 17.91 12.54 12.50
C ALA A 98 17.55 11.20 11.84
N SER A 99 16.34 10.71 12.10
CA SER A 99 15.90 9.46 11.53
C SER A 99 15.87 9.57 9.99
N THR A 100 15.34 10.68 9.48
CA THR A 100 15.28 10.88 8.03
C THR A 100 16.69 10.84 7.43
N GLU A 101 17.64 11.48 8.10
CA GLU A 101 19.02 11.49 7.62
C GLU A 101 19.58 10.09 7.66
N ALA A 102 19.34 9.38 8.76
CA ALA A 102 19.82 8.01 8.92
C ALA A 102 19.28 7.12 7.79
N ASP A 103 18.00 7.25 7.48
CA ASP A 103 17.37 6.45 6.42
C ASP A 103 18.03 6.72 5.07
N LYS A 104 18.41 7.97 4.83
CA LYS A 104 19.06 8.38 3.59
C LYS A 104 20.46 7.75 3.45
N LYS A 105 21.23 7.75 4.53
CA LYS A 105 22.56 7.14 4.48
C LYS A 105 22.43 5.63 4.34
N LEU A 106 21.55 5.04 5.14
CA LEU A 106 21.36 3.60 5.12
C LEU A 106 20.82 3.14 3.77
N SER A 107 19.96 3.95 3.15
CA SER A 107 19.42 3.62 1.83
C SER A 107 20.52 3.62 0.79
N ARG A 108 21.45 4.57 0.90
CA ARG A 108 22.58 4.64 -0.01
C ARG A 108 23.51 3.45 0.20
N PHE A 109 23.75 3.11 1.46
CA PHE A 109 24.62 1.99 1.80
C PHE A 109 24.00 0.71 1.21
N ASP A 110 22.68 0.57 1.34
CA ASP A 110 21.99 -0.60 0.81
C ASP A 110 22.29 -0.78 -0.67
N ILE A 111 22.25 0.32 -1.41
CA ILE A 111 22.53 0.27 -2.85
C ILE A 111 23.98 -0.15 -3.03
N GLU A 112 24.88 0.42 -2.24
CA GLU A 112 26.30 0.09 -2.30
C GLU A 112 26.53 -1.42 -2.21
N MET A 113 26.00 -2.03 -1.16
CA MET A 113 26.18 -3.47 -0.95
C MET A 113 25.57 -4.35 -2.05
N SER A 114 24.44 -3.91 -2.61
CA SER A 114 23.78 -4.68 -3.65
C SER A 114 24.54 -4.60 -4.98
N MET A 115 25.51 -3.68 -5.06
CA MET A 115 26.31 -3.50 -6.27
C MET A 115 27.69 -4.14 -6.13
N ARG A 116 27.86 -4.95 -5.10
CA ARG A 116 29.14 -5.62 -4.85
C ARG A 116 29.40 -6.79 -5.81
N GLU A 117 30.27 -6.56 -6.78
CA GLU A 117 30.67 -7.57 -7.76
C GLU A 117 31.35 -8.73 -7.04
N ASP A 118 32.32 -8.38 -6.19
CA ASP A 118 33.07 -9.39 -5.44
C ASP A 118 32.19 -10.35 -4.62
N VAL A 119 31.20 -9.82 -3.90
CA VAL A 119 30.32 -10.68 -3.12
C VAL A 119 29.51 -11.58 -4.06
N PHE A 120 28.98 -10.98 -5.13
CA PHE A 120 28.19 -11.69 -6.12
C PHE A 120 28.96 -12.91 -6.65
N GLN A 121 30.23 -12.72 -7.01
CA GLN A 121 31.06 -13.82 -7.52
C GLN A 121 31.07 -14.98 -6.54
N ARG A 122 31.16 -14.68 -5.24
CA ARG A 122 31.18 -15.74 -4.23
C ARG A 122 29.88 -16.53 -4.15
N ILE A 123 28.75 -15.86 -4.36
CA ILE A 123 27.47 -16.53 -4.28
C ILE A 123 27.23 -17.37 -5.53
N VAL A 124 27.63 -16.85 -6.69
CA VAL A 124 27.48 -17.56 -7.95
C VAL A 124 28.31 -18.84 -7.92
N HIS A 125 29.56 -18.73 -7.47
CA HIS A 125 30.42 -19.90 -7.42
C HIS A 125 29.97 -20.89 -6.34
N LEU A 126 29.25 -20.40 -5.33
CA LEU A 126 28.75 -21.30 -4.29
C LEU A 126 27.65 -22.18 -4.87
N GLN A 127 26.77 -21.58 -5.65
CA GLN A 127 25.66 -22.31 -6.26
C GLN A 127 26.14 -23.33 -7.28
N GLU A 128 27.23 -22.99 -7.97
CA GLU A 128 27.79 -23.89 -8.97
C GLU A 128 28.25 -25.18 -8.31
N THR A 129 29.06 -25.06 -7.27
CA THR A 129 29.59 -26.21 -6.56
C THR A 129 28.71 -26.77 -5.45
N CYS A 130 27.54 -26.17 -5.22
CA CYS A 130 26.67 -26.65 -4.17
C CYS A 130 25.67 -27.69 -4.66
N ASP A 131 25.36 -28.65 -3.80
CA ASP A 131 24.41 -29.70 -4.12
C ASP A 131 23.04 -29.33 -3.54
N LEU A 132 22.35 -28.43 -4.22
CA LEU A 132 21.04 -27.93 -3.81
C LEU A 132 20.10 -28.92 -3.12
N GLU A 133 20.23 -30.21 -3.42
CA GLU A 133 19.35 -31.19 -2.81
C GLU A 133 19.67 -31.45 -1.35
N LYS A 134 20.86 -31.05 -0.92
CA LYS A 134 21.28 -31.23 0.46
C LYS A 134 20.74 -30.15 1.41
N ILE A 135 20.47 -28.96 0.86
CA ILE A 135 19.95 -27.86 1.69
C ILE A 135 18.44 -27.74 1.62
N LYS A 136 17.86 -26.95 2.52
CA LYS A 136 16.41 -26.75 2.54
C LYS A 136 15.93 -25.93 1.35
N PRO A 137 14.66 -26.11 0.97
CA PRO A 137 14.06 -25.37 -0.16
C PRO A 137 14.22 -23.86 -0.05
N GLU A 138 13.99 -23.31 1.15
CA GLU A 138 14.10 -21.87 1.34
C GLU A 138 15.52 -21.37 1.07
N ALA A 139 16.53 -22.17 1.44
CA ALA A 139 17.91 -21.77 1.20
C ALA A 139 18.24 -21.77 -0.29
N ARG A 140 17.63 -22.69 -1.05
CA ARG A 140 17.85 -22.74 -2.48
C ARG A 140 17.28 -21.45 -3.06
N ARG A 141 16.09 -21.09 -2.58
CA ARG A 141 15.41 -19.88 -3.03
C ARG A 141 16.28 -18.67 -2.63
N TYR A 142 16.95 -18.75 -1.49
CA TYR A 142 17.81 -17.66 -1.03
C TYR A 142 18.92 -17.40 -2.06
N LEU A 143 19.65 -18.45 -2.42
CA LEU A 143 20.73 -18.32 -3.40
C LEU A 143 20.17 -17.86 -4.72
N GLU A 144 19.14 -18.56 -5.17
CA GLU A 144 18.46 -18.27 -6.42
C GLU A 144 18.12 -16.79 -6.53
N LYS A 145 17.35 -16.30 -5.56
CA LYS A 145 16.94 -14.91 -5.53
C LYS A 145 18.13 -13.95 -5.43
N SER A 146 19.12 -14.31 -4.61
CA SER A 146 20.27 -13.44 -4.47
C SER A 146 21.01 -13.24 -5.79
N ILE A 147 21.25 -14.33 -6.51
CA ILE A 147 21.96 -14.24 -7.79
C ILE A 147 21.09 -13.46 -8.79
N LYS A 148 19.78 -13.71 -8.74
CA LYS A 148 18.86 -13.05 -9.64
C LYS A 148 18.91 -11.53 -9.47
N MET A 149 18.96 -11.07 -8.22
CA MET A 149 19.00 -9.64 -7.94
C MET A 149 20.30 -9.04 -8.47
N GLY A 150 21.39 -9.78 -8.31
CA GLY A 150 22.67 -9.30 -8.80
C GLY A 150 22.64 -9.09 -10.31
N LYS A 151 22.07 -10.06 -11.02
CA LYS A 151 21.98 -9.97 -12.48
C LYS A 151 21.06 -8.82 -12.85
N ARG A 152 20.09 -8.53 -12.01
CA ARG A 152 19.16 -7.44 -12.28
C ARG A 152 19.89 -6.12 -12.04
N ASN A 153 21.04 -6.18 -11.38
CA ASN A 153 21.84 -4.99 -11.15
C ASN A 153 23.01 -4.99 -12.14
N GLY A 154 23.06 -6.02 -12.98
CA GLY A 154 24.10 -6.12 -13.99
C GLY A 154 25.46 -6.55 -13.51
N LEU A 155 25.51 -7.24 -12.37
CA LEU A 155 26.80 -7.67 -11.83
C LEU A 155 27.51 -8.74 -12.68
N HIS A 156 26.83 -9.26 -13.69
CA HIS A 156 27.43 -10.27 -14.56
C HIS A 156 27.94 -9.65 -15.86
N LEU A 157 27.73 -8.34 -16.01
CA LEU A 157 28.14 -7.63 -17.21
C LEU A 157 29.49 -6.93 -17.11
N SER A 158 30.02 -6.53 -18.27
CA SER A 158 31.32 -5.85 -18.32
C SER A 158 31.25 -4.54 -17.55
N GLU A 159 32.41 -4.05 -17.12
CA GLU A 159 32.46 -2.79 -16.37
C GLU A 159 31.85 -1.65 -17.16
N HIS A 160 32.08 -1.63 -18.47
CA HIS A 160 31.53 -0.55 -19.29
C HIS A 160 30.01 -0.48 -19.17
N ILE A 161 29.36 -1.62 -19.33
CA ILE A 161 27.90 -1.67 -19.24
C ILE A 161 27.46 -1.42 -17.80
N ARG A 162 28.16 -1.98 -16.82
CA ARG A 162 27.82 -1.78 -15.42
C ARG A 162 27.85 -0.30 -15.05
N ASN A 163 28.83 0.44 -15.57
CA ASN A 163 28.94 1.86 -15.28
C ASN A 163 27.84 2.65 -15.97
N GLU A 164 27.61 2.37 -17.24
CA GLU A 164 26.57 3.07 -17.99
C GLU A 164 25.22 2.87 -17.30
N ILE A 165 25.05 1.71 -16.66
CA ILE A 165 23.79 1.40 -15.96
C ILE A 165 23.73 2.18 -14.65
N LYS A 166 24.88 2.68 -14.22
CA LYS A 166 24.99 3.45 -12.99
C LYS A 166 24.52 4.87 -13.22
N SER A 167 25.24 5.58 -14.09
CA SER A 167 24.89 6.96 -14.40
C SER A 167 23.45 7.08 -14.90
N MET A 168 22.76 5.95 -15.00
CA MET A 168 21.36 5.95 -15.43
C MET A 168 20.43 5.69 -14.27
N LYS A 169 20.72 4.67 -13.46
CA LYS A 169 19.87 4.39 -12.30
C LYS A 169 19.98 5.57 -11.34
N LYS A 170 21.05 6.34 -11.53
CA LYS A 170 21.32 7.53 -10.72
C LYS A 170 20.32 8.63 -11.08
N ARG A 171 20.35 9.07 -12.34
CA ARG A 171 19.45 10.12 -12.80
C ARG A 171 17.99 9.78 -12.50
N MET A 172 17.55 8.60 -12.93
CA MET A 172 16.17 8.18 -12.72
C MET A 172 15.76 8.32 -11.26
N SER A 173 16.75 8.30 -10.36
CA SER A 173 16.46 8.44 -8.95
C SER A 173 16.20 9.91 -8.66
N GLU A 174 17.08 10.76 -9.19
CA GLU A 174 16.95 12.21 -9.01
C GLU A 174 15.67 12.72 -9.68
N LEU A 175 15.51 12.39 -10.97
CA LEU A 175 14.33 12.81 -11.72
C LEU A 175 13.04 12.50 -10.96
N CYS A 176 13.05 11.41 -10.20
CA CYS A 176 11.88 11.00 -9.42
C CYS A 176 11.69 11.83 -8.17
N ILE A 177 12.80 12.25 -7.57
CA ILE A 177 12.75 13.06 -6.37
C ILE A 177 12.37 14.47 -6.79
N ASP A 178 12.75 14.85 -8.00
CA ASP A 178 12.44 16.18 -8.52
C ASP A 178 10.96 16.25 -8.90
N PHE A 179 10.47 15.17 -9.49
CA PHE A 179 9.08 15.07 -9.91
C PHE A 179 8.18 15.24 -8.68
N ASN A 180 8.48 14.46 -7.65
CA ASN A 180 7.71 14.49 -6.40
C ASN A 180 7.84 15.83 -5.68
N LYS A 181 9.06 16.34 -5.60
CA LYS A 181 9.31 17.62 -4.94
C LYS A 181 8.40 18.71 -5.49
N ASN A 182 8.36 18.84 -6.81
CA ASN A 182 7.53 19.85 -7.44
C ASN A 182 6.08 19.76 -6.99
N LEU A 183 5.46 18.60 -7.17
CA LEU A 183 4.08 18.43 -6.77
C LEU A 183 3.90 18.79 -5.29
N ASN A 184 4.72 18.18 -4.43
CA ASN A 184 4.64 18.44 -3.00
C ASN A 184 4.78 19.92 -2.64
N GLU A 185 5.75 20.59 -3.25
CA GLU A 185 5.98 22.01 -2.96
C GLU A 185 4.89 22.93 -3.49
N ASP A 186 4.31 22.58 -4.64
CA ASP A 186 3.26 23.40 -5.25
C ASP A 186 2.27 23.98 -4.25
N ASP A 187 1.94 25.25 -4.43
CA ASP A 187 1.00 25.94 -3.55
C ASP A 187 -0.04 26.72 -4.33
N THR A 188 -0.44 26.19 -5.48
CA THR A 188 -1.44 26.83 -6.31
C THR A 188 -2.71 27.03 -5.50
N SER A 189 -3.36 28.18 -5.70
CA SER A 189 -4.58 28.49 -4.98
C SER A 189 -5.58 29.27 -5.85
N LEU A 190 -6.86 29.20 -5.49
CA LEU A 190 -7.89 29.92 -6.20
C LEU A 190 -8.76 30.66 -5.18
N VAL A 191 -9.54 31.62 -5.64
CA VAL A 191 -10.41 32.36 -4.75
C VAL A 191 -11.83 32.32 -5.30
N PHE A 192 -12.77 31.92 -4.44
CA PHE A 192 -14.16 31.84 -4.84
C PHE A 192 -15.01 32.57 -3.82
N SER A 193 -16.16 33.05 -4.27
CA SER A 193 -17.09 33.75 -3.41
C SER A 193 -17.91 32.66 -2.75
N LYS A 194 -18.70 33.03 -1.75
CA LYS A 194 -19.54 32.07 -1.06
C LYS A 194 -20.49 31.44 -2.09
N ALA A 195 -20.94 32.27 -3.02
CA ALA A 195 -21.86 31.82 -4.07
C ALA A 195 -21.22 30.79 -4.98
N GLU A 196 -19.97 31.04 -5.36
CA GLU A 196 -19.24 30.13 -6.22
C GLU A 196 -18.98 28.77 -5.54
N LEU A 197 -19.07 28.73 -4.22
CA LEU A 197 -18.86 27.50 -3.47
C LEU A 197 -20.17 26.96 -2.95
N GLY A 198 -21.25 27.17 -3.72
CA GLY A 198 -22.56 26.71 -3.31
C GLY A 198 -22.63 25.21 -3.07
N ALA A 199 -23.42 24.82 -2.08
CA ALA A 199 -23.62 23.41 -1.71
C ALA A 199 -22.55 22.93 -0.74
N LEU A 200 -21.46 23.67 -0.61
CA LEU A 200 -20.40 23.27 0.31
C LEU A 200 -20.86 23.58 1.73
N PRO A 201 -20.70 22.60 2.64
CA PRO A 201 -21.07 22.69 4.05
C PRO A 201 -20.46 23.87 4.79
N ASP A 202 -21.17 24.37 5.81
CA ASP A 202 -20.71 25.49 6.61
C ASP A 202 -19.33 25.22 7.21
N ASP A 203 -19.12 24.02 7.73
CA ASP A 203 -17.83 23.65 8.32
C ASP A 203 -16.68 23.76 7.32
N PHE A 204 -16.94 23.41 6.07
CA PHE A 204 -15.89 23.48 5.06
C PHE A 204 -15.47 24.93 4.83
N ILE A 205 -16.44 25.75 4.48
CA ILE A 205 -16.18 27.14 4.21
C ILE A 205 -15.50 27.89 5.37
N ASP A 206 -15.95 27.66 6.60
CA ASP A 206 -15.36 28.34 7.76
C ASP A 206 -13.91 27.96 8.02
N SER A 207 -13.46 26.84 7.46
CA SER A 207 -12.08 26.39 7.64
C SER A 207 -11.20 27.06 6.60
N LEU A 208 -11.82 27.78 5.69
CA LEU A 208 -11.09 28.45 4.62
C LEU A 208 -10.66 29.86 5.00
N GLU A 209 -9.48 30.24 4.53
CA GLU A 209 -8.92 31.56 4.77
C GLU A 209 -9.75 32.54 3.93
N LYS A 210 -9.91 33.76 4.41
CA LYS A 210 -10.69 34.76 3.68
C LYS A 210 -9.78 35.92 3.24
N THR A 211 -10.03 36.48 2.05
CA THR A 211 -9.22 37.58 1.51
C THR A 211 -9.75 38.97 1.85
N ASP A 212 -9.08 40.00 1.33
CA ASP A 212 -9.50 41.38 1.55
C ASP A 212 -10.78 41.66 0.78
N GLU A 213 -11.46 40.59 0.38
CA GLU A 213 -12.72 40.66 -0.33
C GLU A 213 -13.60 39.59 0.27
N ASP A 214 -14.85 39.54 -0.14
CA ASP A 214 -15.76 38.54 0.39
C ASP A 214 -15.48 37.19 -0.28
N LYS A 215 -14.19 36.93 -0.51
CA LYS A 215 -13.72 35.70 -1.15
C LYS A 215 -13.05 34.74 -0.16
N TYR A 216 -13.10 33.46 -0.49
CA TYR A 216 -12.49 32.42 0.32
C TYR A 216 -11.36 31.79 -0.47
N LYS A 217 -10.28 31.46 0.22
CA LYS A 217 -9.11 30.86 -0.41
C LYS A 217 -9.26 29.34 -0.48
N VAL A 218 -8.97 28.77 -1.64
CA VAL A 218 -9.08 27.32 -1.82
C VAL A 218 -7.82 26.77 -2.51
N THR A 219 -7.14 25.84 -1.82
CA THR A 219 -5.92 25.23 -2.35
C THR A 219 -6.24 23.97 -3.14
N LEU A 220 -5.23 23.42 -3.79
CA LEU A 220 -5.40 22.22 -4.59
C LEU A 220 -5.09 20.93 -3.83
N LYS A 221 -4.71 21.06 -2.57
CA LYS A 221 -4.42 19.88 -1.78
C LYS A 221 -5.71 19.07 -1.59
N TYR A 222 -5.57 17.74 -1.54
CA TYR A 222 -6.71 16.84 -1.41
C TYR A 222 -7.83 17.25 -0.46
N PRO A 223 -7.50 17.77 0.73
CA PRO A 223 -8.56 18.16 1.66
C PRO A 223 -9.51 19.25 1.15
N HIS A 224 -9.05 20.04 0.19
CA HIS A 224 -9.89 21.09 -0.37
C HIS A 224 -10.50 20.65 -1.70
N TYR A 225 -9.65 20.11 -2.57
CA TYR A 225 -10.03 19.66 -3.90
C TYR A 225 -11.22 18.71 -3.95
N PHE A 226 -11.17 17.63 -3.18
CA PHE A 226 -12.26 16.66 -3.24
C PHE A 226 -13.61 17.07 -2.68
N PRO A 227 -13.65 17.77 -1.54
CA PRO A 227 -14.96 18.15 -1.04
C PRO A 227 -15.66 19.05 -2.06
N VAL A 228 -14.87 19.85 -2.79
CA VAL A 228 -15.42 20.76 -3.79
C VAL A 228 -15.87 20.02 -5.05
N MET A 229 -15.06 19.08 -5.51
CA MET A 229 -15.42 18.33 -6.71
C MET A 229 -16.62 17.41 -6.45
N LYS A 230 -16.79 17.01 -5.19
CA LYS A 230 -17.89 16.12 -4.82
C LYS A 230 -19.20 16.78 -4.39
N LYS A 231 -19.14 18.01 -3.87
CA LYS A 231 -20.36 18.65 -3.40
C LYS A 231 -20.75 19.99 -4.02
N CYS A 232 -19.78 20.73 -4.54
CA CYS A 232 -20.08 22.03 -5.14
C CYS A 232 -21.05 21.91 -6.31
N CYS A 233 -22.23 22.49 -6.14
CA CYS A 233 -23.29 22.46 -7.16
C CYS A 233 -23.01 23.42 -8.33
N VAL A 234 -21.96 24.22 -8.24
CA VAL A 234 -21.62 25.16 -9.29
C VAL A 234 -20.66 24.53 -10.30
N PRO A 235 -21.17 24.07 -11.44
CA PRO A 235 -20.33 23.44 -12.48
C PRO A 235 -19.09 24.22 -12.85
N GLU A 236 -19.22 25.53 -13.01
CA GLU A 236 -18.07 26.35 -13.39
C GLU A 236 -16.94 26.33 -12.34
N THR A 237 -17.28 26.17 -11.06
CA THR A 237 -16.26 26.12 -10.02
C THR A 237 -15.56 24.76 -10.08
N ARG A 238 -16.35 23.70 -10.16
CA ARG A 238 -15.80 22.35 -10.25
C ARG A 238 -14.86 22.33 -11.45
N ARG A 239 -15.25 23.03 -12.51
CA ARG A 239 -14.46 23.07 -13.74
C ARG A 239 -13.08 23.68 -13.56
N LYS A 240 -13.02 24.87 -12.98
CA LYS A 240 -11.74 25.53 -12.79
C LYS A 240 -10.89 24.77 -11.79
N MET A 241 -11.53 24.16 -10.80
CA MET A 241 -10.77 23.38 -9.82
C MET A 241 -10.10 22.19 -10.50
N GLU A 242 -10.84 21.49 -11.37
CA GLU A 242 -10.31 20.33 -12.07
C GLU A 242 -9.20 20.71 -13.06
N MET A 243 -9.32 21.89 -13.67
CA MET A 243 -8.32 22.37 -14.62
C MET A 243 -7.02 22.71 -13.91
N ALA A 244 -7.12 23.47 -12.82
CA ALA A 244 -5.94 23.85 -12.06
C ALA A 244 -5.26 22.62 -11.44
N PHE A 245 -6.06 21.67 -10.98
CA PHE A 245 -5.52 20.46 -10.35
C PHE A 245 -4.74 19.57 -11.32
N HIS A 246 -5.21 19.47 -12.55
CA HIS A 246 -4.51 18.64 -13.51
C HIS A 246 -3.54 19.36 -14.44
N THR A 247 -3.06 20.53 -13.99
CA THR A 247 -2.08 21.29 -14.76
C THR A 247 -0.93 21.66 -13.83
N ARG A 248 -0.96 21.12 -12.62
CA ARG A 248 0.09 21.40 -11.66
C ARG A 248 1.42 20.92 -12.24
N CYS A 249 2.46 21.74 -12.10
CA CYS A 249 3.79 21.42 -12.59
C CYS A 249 3.79 20.85 -14.01
N LYS A 250 2.79 21.21 -14.79
CA LYS A 250 2.69 20.69 -16.15
C LYS A 250 4.01 20.71 -16.92
N GLN A 251 4.70 21.85 -16.98
CA GLN A 251 5.95 21.93 -17.71
C GLN A 251 7.09 21.15 -17.07
N GLU A 252 7.43 21.50 -15.83
CA GLU A 252 8.52 20.83 -15.12
C GLU A 252 8.43 19.31 -15.19
N ASN A 253 7.27 18.77 -14.81
CA ASN A 253 7.09 17.32 -14.82
C ASN A 253 6.91 16.68 -16.18
N THR A 254 6.41 17.42 -17.17
CA THR A 254 6.28 16.84 -18.49
C THR A 254 7.72 16.64 -18.99
N ALA A 255 8.57 17.64 -18.75
CA ALA A 255 9.96 17.58 -19.16
C ALA A 255 10.71 16.46 -18.42
N ILE A 256 10.35 16.24 -17.17
CA ILE A 256 10.99 15.18 -16.39
C ILE A 256 10.61 13.82 -16.99
N LEU A 257 9.32 13.64 -17.26
CA LEU A 257 8.81 12.40 -17.84
C LEU A 257 9.44 12.10 -19.21
N GLN A 258 9.79 13.16 -19.94
CA GLN A 258 10.38 12.99 -21.25
C GLN A 258 11.81 12.49 -21.24
N GLN A 259 12.49 12.65 -20.11
CA GLN A 259 13.86 12.18 -19.98
C GLN A 259 13.80 10.83 -19.28
N LEU A 260 12.91 10.75 -18.30
CA LEU A 260 12.76 9.56 -17.48
C LEU A 260 12.32 8.28 -18.18
N LEU A 261 11.25 8.34 -18.95
CA LEU A 261 10.76 7.15 -19.63
C LEU A 261 11.80 6.60 -20.61
N PRO A 262 12.52 7.47 -21.32
CA PRO A 262 13.52 6.93 -22.26
C PRO A 262 14.68 6.28 -21.49
N LEU A 263 14.99 6.83 -20.32
CA LEU A 263 16.07 6.31 -19.49
C LEU A 263 15.71 4.91 -19.02
N ARG A 264 14.44 4.71 -18.73
CA ARG A 264 13.94 3.41 -18.27
C ARG A 264 14.01 2.40 -19.40
N ALA A 265 13.86 2.87 -20.63
CA ALA A 265 13.93 1.99 -21.78
C ALA A 265 15.37 1.48 -21.94
N GLN A 266 16.30 2.42 -22.05
CA GLN A 266 17.71 2.09 -22.21
C GLN A 266 18.24 1.16 -21.12
N VAL A 267 17.97 1.50 -19.86
CA VAL A 267 18.44 0.67 -18.74
C VAL A 267 17.92 -0.76 -18.85
N ALA A 268 16.66 -0.90 -19.25
CA ALA A 268 16.04 -2.22 -19.39
C ALA A 268 16.79 -3.01 -20.47
N LYS A 269 17.09 -2.36 -21.58
CA LYS A 269 17.81 -3.00 -22.68
C LYS A 269 19.18 -3.48 -22.23
N LEU A 270 19.98 -2.57 -21.67
CA LEU A 270 21.31 -2.89 -21.20
C LEU A 270 21.30 -4.11 -20.28
N LEU A 271 20.19 -4.28 -19.55
CA LEU A 271 20.04 -5.41 -18.64
C LEU A 271 19.42 -6.63 -19.33
N GLY A 272 19.11 -6.50 -20.61
CA GLY A 272 18.57 -7.63 -21.35
C GLY A 272 17.06 -7.78 -21.35
N TYR A 273 16.35 -6.71 -21.02
CA TYR A 273 14.89 -6.74 -21.01
C TYR A 273 14.35 -5.89 -22.16
N ASN A 274 13.21 -6.30 -22.73
CA ASN A 274 12.64 -5.57 -23.85
C ASN A 274 12.10 -4.21 -23.46
N THR A 275 11.43 -4.13 -22.31
CA THR A 275 10.87 -2.89 -21.81
C THR A 275 11.11 -2.80 -20.31
N HIS A 276 10.87 -1.64 -19.73
CA HIS A 276 11.06 -1.45 -18.30
C HIS A 276 9.94 -2.22 -17.62
N ALA A 277 8.77 -2.23 -18.25
CA ALA A 277 7.61 -2.95 -17.71
C ALA A 277 7.97 -4.41 -17.47
N ASP A 278 8.63 -5.03 -18.45
CA ASP A 278 9.00 -6.43 -18.29
C ASP A 278 10.03 -6.62 -17.19
N PHE A 279 10.91 -5.63 -17.02
CA PHE A 279 11.93 -5.69 -15.96
C PHE A 279 11.19 -5.72 -14.61
N VAL A 280 10.24 -4.80 -14.47
CA VAL A 280 9.48 -4.69 -13.23
C VAL A 280 8.63 -5.92 -12.93
N LEU A 281 7.83 -6.33 -13.92
CA LEU A 281 6.92 -7.45 -13.80
C LEU A 281 7.48 -8.85 -13.51
N GLU A 282 8.76 -9.06 -13.80
CA GLU A 282 9.39 -10.36 -13.55
C GLU A 282 9.33 -10.79 -12.09
N LEU A 283 9.42 -9.82 -11.18
CA LEU A 283 9.37 -10.14 -9.76
C LEU A 283 7.95 -10.20 -9.19
N ASN A 284 6.93 -10.01 -10.03
CA ASN A 284 5.54 -10.04 -9.56
C ASN A 284 4.83 -11.33 -9.99
N THR A 285 3.71 -11.66 -9.33
CA THR A 285 2.96 -12.86 -9.69
C THR A 285 2.36 -12.73 -11.08
N ALA A 286 2.22 -11.49 -11.57
CA ALA A 286 1.69 -11.27 -12.92
C ALA A 286 2.73 -11.66 -13.99
N LYS A 287 3.99 -11.75 -13.56
CA LYS A 287 5.11 -12.16 -14.40
C LYS A 287 5.43 -11.41 -15.70
N SER A 288 4.41 -11.04 -16.48
CA SER A 288 4.70 -10.37 -17.75
C SER A 288 3.76 -9.27 -18.17
N THR A 289 4.25 -8.49 -19.13
CA THR A 289 3.53 -7.37 -19.70
C THR A 289 2.27 -7.84 -20.42
N SER A 290 2.41 -8.90 -21.22
CA SER A 290 1.27 -9.42 -21.95
C SER A 290 0.19 -9.94 -21.01
N ARG A 291 0.61 -10.49 -19.88
CA ARG A 291 -0.35 -11.00 -18.90
C ARG A 291 -1.11 -9.84 -18.24
N VAL A 292 -0.39 -8.78 -17.89
CA VAL A 292 -1.03 -7.62 -17.26
C VAL A 292 -2.01 -6.99 -18.24
N ALA A 293 -1.61 -6.88 -19.51
CA ALA A 293 -2.48 -6.29 -20.53
C ALA A 293 -3.74 -7.12 -20.72
N ALA A 294 -3.59 -8.45 -20.70
CA ALA A 294 -4.73 -9.35 -20.87
C ALA A 294 -5.68 -9.26 -19.67
N PHE A 295 -5.10 -9.04 -18.49
CA PHE A 295 -5.86 -8.92 -17.25
C PHE A 295 -6.74 -7.69 -17.33
N LEU A 296 -6.11 -6.55 -17.61
CA LEU A 296 -6.81 -5.28 -17.70
C LEU A 296 -7.80 -5.23 -18.86
N ASP A 297 -7.35 -5.60 -20.05
CA ASP A 297 -8.22 -5.56 -21.23
C ASP A 297 -9.52 -6.34 -21.05
N ASP A 298 -9.43 -7.58 -20.55
CA ASP A 298 -10.60 -8.41 -20.35
C ASP A 298 -11.50 -7.89 -19.23
N LEU A 299 -10.90 -7.29 -18.21
CA LEU A 299 -11.69 -6.78 -17.10
C LEU A 299 -12.55 -5.59 -17.56
N SER A 300 -11.95 -4.69 -18.34
CA SER A 300 -12.68 -3.54 -18.81
C SER A 300 -13.80 -3.97 -19.77
N GLN A 301 -13.62 -5.12 -20.40
CA GLN A 301 -14.65 -5.62 -21.31
C GLN A 301 -15.82 -6.13 -20.47
N LYS A 302 -15.52 -6.88 -19.42
CA LYS A 302 -16.56 -7.41 -18.55
C LYS A 302 -17.31 -6.29 -17.84
N LEU A 303 -16.66 -5.14 -17.65
CA LEU A 303 -17.25 -3.99 -16.96
C LEU A 303 -17.94 -3.00 -17.90
N LYS A 304 -17.70 -3.14 -19.19
CA LYS A 304 -18.29 -2.22 -20.16
C LYS A 304 -19.79 -1.98 -19.97
N PRO A 305 -20.60 -3.06 -19.85
CA PRO A 305 -22.05 -2.85 -19.67
C PRO A 305 -22.46 -2.14 -18.38
N LEU A 306 -21.69 -2.36 -17.32
CA LEU A 306 -21.99 -1.74 -16.03
C LEU A 306 -21.60 -0.26 -16.10
N GLY A 307 -20.51 0.03 -16.83
CA GLY A 307 -20.08 1.41 -16.99
C GLY A 307 -21.06 2.20 -17.82
N GLU A 308 -21.66 1.56 -18.83
CA GLU A 308 -22.62 2.22 -19.68
C GLU A 308 -23.88 2.56 -18.89
N ALA A 309 -24.35 1.61 -18.09
CA ALA A 309 -25.55 1.83 -17.29
C ALA A 309 -25.34 2.98 -16.30
N GLU A 310 -24.22 2.95 -15.56
CA GLU A 310 -23.93 3.99 -14.58
C GLU A 310 -23.81 5.35 -15.28
N ARG A 311 -23.11 5.35 -16.40
CA ARG A 311 -22.88 6.56 -17.18
C ARG A 311 -24.21 7.09 -17.69
N GLU A 312 -25.09 6.16 -18.03
CA GLU A 312 -26.41 6.52 -18.52
C GLU A 312 -27.17 7.17 -17.37
N PHE A 313 -27.13 6.53 -16.20
CA PHE A 313 -27.82 7.03 -15.03
C PHE A 313 -27.32 8.41 -14.60
N ILE A 314 -25.99 8.58 -14.62
CA ILE A 314 -25.41 9.85 -14.23
C ILE A 314 -25.84 10.96 -15.19
N LEU A 315 -25.83 10.64 -16.47
CA LEU A 315 -26.19 11.61 -17.50
C LEU A 315 -27.63 12.09 -17.33
N SER A 316 -28.50 11.21 -16.87
CA SER A 316 -29.90 11.58 -16.68
C SER A 316 -30.02 12.47 -15.44
N LEU A 317 -29.13 12.30 -14.47
CA LEU A 317 -29.17 13.12 -13.27
C LEU A 317 -28.71 14.52 -13.62
N LYS A 318 -27.71 14.61 -14.49
CA LYS A 318 -27.20 15.92 -14.88
C LYS A 318 -28.26 16.68 -15.66
N LYS A 319 -28.84 16.03 -16.66
CA LYS A 319 -29.87 16.65 -17.49
C LYS A 319 -31.02 17.17 -16.63
N LYS A 320 -31.41 16.38 -15.62
CA LYS A 320 -32.50 16.76 -14.72
C LYS A 320 -32.14 17.91 -13.80
N GLU A 321 -30.91 17.96 -13.33
CA GLU A 321 -30.48 19.02 -12.42
C GLU A 321 -30.30 20.31 -13.19
N CYS A 322 -29.69 20.23 -14.36
CA CYS A 322 -29.46 21.42 -15.19
C CYS A 322 -30.78 22.11 -15.49
N GLU A 323 -31.87 21.35 -15.40
CA GLU A 323 -33.21 21.88 -15.66
C GLU A 323 -33.75 22.54 -14.39
N GLU A 324 -33.65 21.81 -13.28
CA GLU A 324 -34.13 22.29 -11.99
C GLU A 324 -33.31 23.46 -11.45
N ARG A 325 -32.17 23.73 -12.09
CA ARG A 325 -31.29 24.82 -11.65
C ARG A 325 -31.09 25.90 -12.71
N GLY A 326 -31.72 25.72 -13.87
CA GLY A 326 -31.56 26.71 -14.92
C GLY A 326 -30.16 26.68 -15.50
N PHE A 327 -29.44 25.61 -15.20
CA PHE A 327 -28.07 25.44 -15.70
C PHE A 327 -28.12 24.94 -17.14
N GLU A 328 -27.17 25.38 -17.95
CA GLU A 328 -27.12 24.95 -19.34
C GLU A 328 -26.70 23.48 -19.35
N TYR A 329 -27.04 22.77 -20.43
CA TYR A 329 -26.72 21.36 -20.56
C TYR A 329 -25.91 21.06 -21.81
N ASP A 330 -24.94 20.16 -21.69
CA ASP A 330 -24.11 19.79 -22.84
C ASP A 330 -24.21 18.30 -23.20
N GLY A 331 -25.15 17.60 -22.56
CA GLY A 331 -25.36 16.20 -22.85
C GLY A 331 -24.20 15.25 -22.62
N LYS A 332 -23.15 15.71 -21.95
CA LYS A 332 -22.00 14.85 -21.68
C LYS A 332 -21.47 14.93 -20.26
N ILE A 333 -20.78 13.87 -19.85
CA ILE A 333 -20.18 13.81 -18.53
C ILE A 333 -18.73 14.27 -18.62
N ASN A 334 -18.47 15.49 -18.16
CA ASN A 334 -17.12 16.02 -18.21
C ASN A 334 -16.32 15.49 -17.02
N ALA A 335 -15.00 15.64 -17.08
CA ALA A 335 -14.13 15.17 -16.00
C ALA A 335 -14.49 15.80 -14.67
N TRP A 336 -14.84 17.09 -14.70
CA TRP A 336 -15.21 17.82 -13.49
C TRP A 336 -16.66 17.56 -13.06
N ASP A 337 -17.27 16.51 -13.62
CA ASP A 337 -18.65 16.15 -13.31
C ASP A 337 -18.77 14.77 -12.66
N LEU A 338 -17.81 13.90 -12.91
CA LEU A 338 -17.82 12.53 -12.40
C LEU A 338 -17.95 12.40 -10.88
N HIS A 339 -17.09 13.08 -10.13
CA HIS A 339 -17.12 13.04 -8.67
C HIS A 339 -18.46 13.50 -8.10
N TYR A 340 -18.98 14.59 -8.63
CA TYR A 340 -20.24 15.16 -8.19
C TYR A 340 -21.40 14.18 -8.36
N TYR A 341 -21.63 13.75 -9.59
CA TYR A 341 -22.73 12.84 -9.84
C TYR A 341 -22.59 11.46 -9.22
N MET A 342 -21.36 11.01 -9.00
CA MET A 342 -21.19 9.71 -8.34
C MET A 342 -21.63 9.88 -6.89
N THR A 343 -21.35 11.06 -6.31
CA THR A 343 -21.77 11.32 -4.93
C THR A 343 -23.30 11.35 -4.93
N GLN A 344 -23.88 11.99 -5.94
CA GLN A 344 -25.34 12.08 -6.06
C GLN A 344 -25.93 10.67 -6.11
N THR A 345 -25.25 9.78 -6.84
CA THR A 345 -25.72 8.41 -6.99
C THR A 345 -25.75 7.69 -5.65
N GLU A 346 -24.72 7.88 -4.83
CA GLU A 346 -24.67 7.25 -3.52
C GLU A 346 -25.87 7.72 -2.69
N GLU A 347 -26.09 9.03 -2.68
CA GLU A 347 -27.19 9.63 -1.92
C GLU A 347 -28.58 9.21 -2.37
N LEU A 348 -28.75 8.96 -3.67
CA LEU A 348 -30.05 8.56 -4.20
C LEU A 348 -30.34 7.07 -4.13
N LYS A 349 -29.29 6.25 -4.09
CA LYS A 349 -29.52 4.82 -4.05
C LYS A 349 -29.46 4.15 -2.68
N TYR A 350 -28.74 4.72 -1.74
CA TYR A 350 -28.68 4.11 -0.42
C TYR A 350 -28.79 5.11 0.71
N SER A 351 -28.37 6.34 0.44
CA SER A 351 -28.41 7.40 1.42
C SER A 351 -28.10 6.90 2.82
N VAL A 352 -26.83 6.61 3.06
CA VAL A 352 -26.37 6.14 4.36
C VAL A 352 -25.76 7.35 5.04
N ASP A 353 -26.34 7.73 6.18
CA ASP A 353 -25.88 8.87 6.95
C ASP A 353 -24.57 8.50 7.66
N GLN A 354 -23.43 8.71 6.99
CA GLN A 354 -22.14 8.38 7.59
C GLN A 354 -21.95 8.99 8.98
N GLU A 355 -22.27 10.27 9.10
CA GLU A 355 -22.12 10.96 10.38
C GLU A 355 -23.02 10.42 11.48
N SER A 356 -24.10 9.77 11.08
CA SER A 356 -25.02 9.18 12.03
C SER A 356 -24.51 7.78 12.40
N LEU A 357 -24.10 7.03 11.38
CA LEU A 357 -23.59 5.68 11.57
C LEU A 357 -22.37 5.59 12.48
N LYS A 358 -21.48 6.58 12.37
CA LYS A 358 -20.25 6.60 13.19
C LYS A 358 -20.53 6.47 14.68
N GLU A 359 -21.70 6.96 15.11
CA GLU A 359 -22.07 6.92 16.52
C GLU A 359 -22.17 5.50 17.05
N TYR A 360 -22.26 4.53 16.15
CA TYR A 360 -22.34 3.13 16.54
C TYR A 360 -20.97 2.46 16.59
N PHE A 361 -19.92 3.20 16.21
CA PHE A 361 -18.56 2.65 16.21
C PHE A 361 -17.58 3.33 17.18
N PRO A 362 -17.83 3.24 18.49
CA PRO A 362 -16.88 3.90 19.40
C PRO A 362 -15.57 3.12 19.23
N ILE A 363 -14.43 3.80 19.19
CA ILE A 363 -13.18 3.08 18.97
C ILE A 363 -12.95 1.94 19.96
N GLU A 364 -13.44 2.06 21.19
CA GLU A 364 -13.27 1.00 22.19
C GLU A 364 -13.87 -0.29 21.67
N VAL A 365 -15.10 -0.16 21.17
CA VAL A 365 -15.88 -1.27 20.66
C VAL A 365 -15.33 -1.86 19.36
N VAL A 366 -14.87 -1.00 18.47
CA VAL A 366 -14.34 -1.48 17.21
C VAL A 366 -13.07 -2.26 17.51
N THR A 367 -12.22 -1.68 18.36
CA THR A 367 -10.97 -2.33 18.73
C THR A 367 -11.19 -3.69 19.40
N GLU A 368 -12.07 -3.75 20.39
CA GLU A 368 -12.33 -5.02 21.07
C GLU A 368 -12.94 -6.05 20.11
N GLY A 369 -13.81 -5.60 19.21
CA GLY A 369 -14.43 -6.51 18.27
C GLY A 369 -13.45 -7.03 17.23
N LEU A 370 -12.67 -6.11 16.65
CA LEU A 370 -11.68 -6.47 15.66
C LEU A 370 -10.74 -7.53 16.23
N LEU A 371 -10.21 -7.29 17.43
CA LEU A 371 -9.30 -8.25 18.04
C LEU A 371 -10.00 -9.57 18.33
N SER A 372 -11.22 -9.49 18.87
CA SER A 372 -11.99 -10.70 19.19
C SER A 372 -12.18 -11.54 17.93
N ILE A 373 -12.51 -10.87 16.83
CA ILE A 373 -12.71 -11.56 15.57
C ILE A 373 -11.41 -12.23 15.06
N TYR A 374 -10.31 -11.48 15.04
CA TYR A 374 -9.05 -12.06 14.58
C TYR A 374 -8.57 -13.20 15.47
N GLN A 375 -8.72 -13.06 16.78
CA GLN A 375 -8.31 -14.13 17.70
C GLN A 375 -9.01 -15.45 17.32
N GLU A 376 -10.35 -15.41 17.26
CA GLU A 376 -11.13 -16.61 16.93
C GLU A 376 -10.83 -17.19 15.54
N LEU A 377 -10.74 -16.34 14.54
CA LEU A 377 -10.48 -16.79 13.19
C LEU A 377 -9.11 -17.43 12.97
N LEU A 378 -8.08 -16.81 13.53
CA LEU A 378 -6.71 -17.32 13.33
C LEU A 378 -6.18 -18.22 14.44
N GLY A 379 -7.03 -18.51 15.43
CA GLY A 379 -6.61 -19.35 16.53
C GLY A 379 -5.48 -18.71 17.31
N LEU A 380 -5.65 -17.45 17.69
CA LEU A 380 -4.64 -16.71 18.45
C LEU A 380 -5.22 -16.00 19.68
N SER A 381 -4.35 -15.61 20.62
CA SER A 381 -4.78 -14.88 21.80
C SER A 381 -3.93 -13.61 21.86
N PHE A 382 -4.58 -12.47 22.04
CA PHE A 382 -3.90 -11.18 22.09
C PHE A 382 -3.93 -10.62 23.51
N GLU A 383 -2.77 -10.31 24.08
CA GLU A 383 -2.75 -9.74 25.42
C GLU A 383 -1.98 -8.43 25.50
N GLN A 384 -2.61 -7.41 26.06
CA GLN A 384 -1.96 -6.11 26.16
C GLN A 384 -0.84 -6.08 27.18
N VAL A 385 0.30 -5.54 26.77
CA VAL A 385 1.46 -5.43 27.65
C VAL A 385 1.30 -4.26 28.61
N PRO A 386 1.23 -4.55 29.92
CA PRO A 386 1.08 -3.61 31.04
C PRO A 386 1.83 -2.29 30.90
N ASP A 387 3.09 -2.28 31.32
CA ASP A 387 3.89 -1.06 31.25
C ASP A 387 4.93 -1.14 30.13
N ALA A 388 4.44 -0.99 28.90
CA ALA A 388 5.26 -1.08 27.71
C ALA A 388 6.06 0.16 27.35
N HIS A 389 7.20 -0.07 26.71
CA HIS A 389 8.08 0.98 26.25
C HIS A 389 7.55 1.40 24.88
N VAL A 390 7.03 2.62 24.77
CA VAL A 390 6.47 3.10 23.50
C VAL A 390 7.01 4.49 23.13
N TRP A 391 6.74 4.91 21.90
CA TRP A 391 7.23 6.21 21.44
C TRP A 391 6.31 7.36 21.81
N ASN A 392 5.10 7.02 22.23
CA ASN A 392 4.11 8.00 22.63
C ASN A 392 3.18 7.29 23.60
N LYS A 393 2.71 8.00 24.61
CA LYS A 393 1.84 7.42 25.63
C LYS A 393 0.49 6.98 25.10
N SER A 394 0.16 7.39 23.88
CA SER A 394 -1.13 7.00 23.32
C SER A 394 -1.02 5.62 22.66
N VAL A 395 0.20 5.10 22.56
CA VAL A 395 0.45 3.81 21.93
C VAL A 395 0.32 2.62 22.89
N SER A 396 -0.32 1.55 22.42
CA SER A 396 -0.46 0.36 23.25
C SER A 396 0.27 -0.78 22.56
N LEU A 397 0.79 -1.71 23.36
CA LEU A 397 1.53 -2.86 22.83
C LEU A 397 0.78 -4.16 23.21
N TYR A 398 0.76 -5.12 22.28
CA TYR A 398 0.09 -6.40 22.51
C TYR A 398 1.00 -7.59 22.16
N THR A 399 0.88 -8.66 22.93
CA THR A 399 1.64 -9.88 22.70
C THR A 399 0.70 -10.89 22.02
N VAL A 400 1.20 -11.55 20.98
CA VAL A 400 0.40 -12.54 20.25
C VAL A 400 0.88 -13.97 20.46
N LYS A 401 0.00 -14.79 21.02
CA LYS A 401 0.33 -16.19 21.28
C LYS A 401 -0.60 -17.09 20.47
N ASP A 402 -0.09 -18.27 20.11
CA ASP A 402 -0.92 -19.24 19.41
C ASP A 402 -1.79 -19.82 20.53
N LYS A 403 -3.11 -19.77 20.35
CA LYS A 403 -4.05 -20.26 21.35
C LYS A 403 -3.73 -21.68 21.83
N ALA A 404 -3.47 -22.57 20.88
CA ALA A 404 -3.20 -23.96 21.20
C ALA A 404 -1.85 -24.24 21.86
N THR A 405 -0.76 -23.80 21.23
CA THR A 405 0.56 -24.08 21.76
C THR A 405 1.13 -23.10 22.79
N GLY A 406 0.66 -21.87 22.78
CA GLY A 406 1.19 -20.89 23.71
C GLY A 406 2.39 -20.19 23.12
N GLU A 407 2.78 -20.59 21.90
CA GLU A 407 3.91 -19.98 21.24
C GLU A 407 3.68 -18.48 21.05
N VAL A 408 4.71 -17.69 21.35
CA VAL A 408 4.64 -16.24 21.22
C VAL A 408 5.13 -15.91 19.82
N LEU A 409 4.20 -15.67 18.90
CA LEU A 409 4.53 -15.34 17.53
C LEU A 409 5.15 -13.94 17.40
N GLY A 410 4.59 -12.99 18.12
CA GLY A 410 5.13 -11.64 18.06
C GLY A 410 4.36 -10.62 18.88
N GLN A 411 4.60 -9.34 18.59
CA GLN A 411 3.92 -8.26 19.28
C GLN A 411 3.55 -7.18 18.26
N PHE A 412 2.47 -6.47 18.52
CA PHE A 412 2.07 -5.38 17.63
C PHE A 412 1.69 -4.15 18.45
N TYR A 413 1.99 -2.96 17.90
CA TYR A 413 1.68 -1.68 18.54
C TYR A 413 0.49 -1.05 17.80
N LEU A 414 -0.33 -0.31 18.52
CA LEU A 414 -1.47 0.38 17.92
C LEU A 414 -1.25 1.88 18.16
N ASP A 415 -1.13 2.65 17.08
CA ASP A 415 -0.93 4.10 17.17
C ASP A 415 -2.10 4.63 16.33
N LEU A 416 -3.21 4.90 17.00
CA LEU A 416 -4.44 5.28 16.33
C LEU A 416 -4.86 6.72 16.07
N TYR A 417 -4.27 7.69 16.76
CA TYR A 417 -4.69 9.08 16.58
C TYR A 417 -3.73 10.03 15.86
N PRO A 418 -4.28 11.01 15.14
CA PRO A 418 -3.42 11.96 14.43
C PRO A 418 -2.52 12.68 15.44
N ARG A 419 -1.32 13.01 15.02
CA ARG A 419 -0.37 13.65 15.92
C ARG A 419 0.63 14.45 15.09
N GLU A 420 1.06 15.60 15.62
CA GLU A 420 2.01 16.42 14.89
C GLU A 420 3.30 15.64 14.64
N GLY A 421 3.71 15.59 13.38
CA GLY A 421 4.92 14.89 13.01
C GLY A 421 4.73 13.41 12.70
N LYS A 422 3.52 12.90 12.91
CA LYS A 422 3.21 11.49 12.65
C LYS A 422 2.71 11.22 11.22
N TYR A 423 3.19 10.12 10.63
CA TYR A 423 2.77 9.69 9.29
C TYR A 423 1.26 9.89 9.24
N ASN A 424 0.77 10.67 8.27
CA ASN A 424 -0.65 10.96 8.19
C ASN A 424 -1.51 10.04 7.32
N HIS A 425 -0.95 8.91 6.91
CA HIS A 425 -1.70 7.95 6.11
C HIS A 425 -1.72 6.62 6.88
N ALA A 426 -2.61 5.71 6.49
CA ALA A 426 -2.73 4.41 7.16
C ALA A 426 -1.66 3.43 6.68
N ALA A 427 -1.10 2.66 7.60
CA ALA A 427 -0.08 1.70 7.22
C ALA A 427 0.32 0.74 8.33
N CYS A 428 1.06 -0.30 7.93
CA CYS A 428 1.57 -1.28 8.86
C CYS A 428 3.06 -1.33 8.62
N PHE A 429 3.83 -1.13 9.68
CA PHE A 429 5.29 -1.16 9.60
C PHE A 429 5.85 -2.43 10.21
N GLY A 430 6.66 -3.15 9.44
CA GLY A 430 7.29 -4.36 9.95
C GLY A 430 8.51 -3.84 10.67
N LEU A 431 8.66 -4.16 11.96
CA LEU A 431 9.77 -3.65 12.74
C LEU A 431 10.79 -4.72 13.11
N GLN A 432 10.36 -5.97 13.15
CA GLN A 432 11.26 -7.06 13.48
C GLN A 432 10.77 -8.28 12.71
N PRO A 433 11.66 -8.97 11.98
CA PRO A 433 11.22 -10.16 11.23
C PRO A 433 11.07 -11.41 12.08
N GLY A 434 10.19 -12.31 11.64
CA GLY A 434 10.00 -13.55 12.37
C GLY A 434 10.85 -14.62 11.73
N CYS A 435 12.15 -14.38 11.64
CA CYS A 435 13.07 -15.32 11.03
C CYS A 435 13.94 -16.03 12.07
N LEU A 436 14.72 -17.02 11.62
CA LEU A 436 15.60 -17.77 12.50
C LEU A 436 16.87 -17.01 12.85
N LEU A 437 17.35 -17.22 14.07
CA LEU A 437 18.56 -16.56 14.51
C LEU A 437 19.69 -17.59 14.41
N PRO A 438 20.96 -17.16 14.54
CA PRO A 438 22.11 -18.08 14.47
C PRO A 438 21.94 -19.41 15.20
N ASP A 439 21.54 -19.35 16.47
CA ASP A 439 21.36 -20.54 17.29
C ASP A 439 20.18 -21.43 16.90
N GLY A 440 19.41 -21.00 15.89
CA GLY A 440 18.27 -21.82 15.51
C GLY A 440 17.01 -21.41 16.23
N SER A 441 17.11 -20.48 17.17
CA SER A 441 15.92 -20.00 17.86
C SER A 441 15.26 -19.03 16.87
N ARG A 442 14.03 -18.65 17.13
CA ARG A 442 13.37 -17.75 16.22
C ARG A 442 13.18 -16.36 16.79
N MET A 443 13.41 -15.36 15.96
CA MET A 443 13.21 -13.99 16.36
C MET A 443 11.72 -13.72 16.43
N MET A 444 11.29 -13.00 17.45
CA MET A 444 9.88 -12.67 17.62
C MET A 444 9.52 -11.57 16.62
N SER A 445 8.41 -11.72 15.91
CA SER A 445 7.99 -10.73 14.93
C SER A 445 7.36 -9.52 15.61
N VAL A 446 7.63 -8.33 15.07
CA VAL A 446 7.07 -7.11 15.64
C VAL A 446 6.53 -6.17 14.55
N ALA A 447 5.33 -5.63 14.78
CA ALA A 447 4.68 -4.73 13.83
C ALA A 447 4.04 -3.53 14.52
N ALA A 448 3.88 -2.45 13.76
CA ALA A 448 3.26 -1.23 14.28
C ALA A 448 2.13 -0.83 13.33
N LEU A 449 0.91 -0.72 13.87
CA LEU A 449 -0.26 -0.31 13.08
C LEU A 449 -0.41 1.21 13.26
N VAL A 450 -0.17 1.95 12.20
CA VAL A 450 -0.24 3.39 12.27
C VAL A 450 -1.38 3.95 11.40
N VAL A 451 -2.36 4.58 12.04
CA VAL A 451 -3.52 5.18 11.38
C VAL A 451 -3.86 6.47 12.11
N ASN A 452 -4.70 7.29 11.50
CA ASN A 452 -5.10 8.55 12.11
C ASN A 452 -6.63 8.67 12.19
N PHE A 453 -7.19 8.08 13.25
CA PHE A 453 -8.63 8.11 13.46
C PHE A 453 -9.03 9.31 14.29
N SER A 454 -10.21 9.84 14.02
CA SER A 454 -10.72 11.00 14.74
C SER A 454 -10.58 10.81 16.24
N GLN A 455 -10.03 11.82 16.90
CA GLN A 455 -9.85 11.78 18.35
C GLN A 455 -11.14 12.21 19.01
N PRO A 456 -11.29 11.92 20.32
CA PRO A 456 -12.53 12.30 21.02
C PRO A 456 -12.71 13.82 21.04
N VAL A 457 -13.95 14.26 20.89
CA VAL A 457 -14.25 15.67 20.87
C VAL A 457 -15.59 16.01 21.51
N ALA A 458 -15.64 17.17 22.14
CA ALA A 458 -16.85 17.68 22.78
C ALA A 458 -17.53 16.69 23.70
N GLY A 459 -16.75 15.93 24.46
CA GLY A 459 -17.34 14.98 25.37
C GLY A 459 -17.71 13.64 24.77
N ARG A 460 -17.55 13.49 23.46
CA ARG A 460 -17.86 12.22 22.81
C ARG A 460 -16.58 11.41 22.58
N PRO A 461 -16.67 10.07 22.67
CA PRO A 461 -15.49 9.21 22.47
C PRO A 461 -15.11 9.26 21.00
N SER A 462 -13.97 8.67 20.67
CA SER A 462 -13.55 8.61 19.28
C SER A 462 -14.60 7.79 18.53
N LEU A 463 -15.18 8.37 17.49
CA LEU A 463 -16.20 7.68 16.69
C LEU A 463 -15.68 7.48 15.26
N LEU A 464 -15.63 6.22 14.84
CA LEU A 464 -15.11 5.87 13.52
C LEU A 464 -16.20 5.75 12.47
N ARG A 465 -15.93 6.32 11.30
CA ARG A 465 -16.87 6.20 10.21
C ARG A 465 -16.72 4.77 9.71
N HIS A 466 -17.65 4.31 8.88
CA HIS A 466 -17.54 2.95 8.38
C HIS A 466 -16.25 2.71 7.58
N ASP A 467 -15.86 3.67 6.75
CA ASP A 467 -14.65 3.50 5.96
C ASP A 467 -13.40 3.40 6.85
N GLU A 468 -13.45 4.02 8.04
CA GLU A 468 -12.32 3.94 8.97
C GLU A 468 -12.26 2.54 9.58
N VAL A 469 -13.41 1.93 9.83
CA VAL A 469 -13.44 0.58 10.36
C VAL A 469 -12.83 -0.32 9.28
N GLU A 470 -13.17 -0.04 8.01
CA GLU A 470 -12.63 -0.82 6.90
C GLU A 470 -11.09 -0.68 6.84
N THR A 471 -10.60 0.54 7.06
CA THR A 471 -9.15 0.80 7.05
C THR A 471 -8.49 0.05 8.20
N TYR A 472 -9.15 0.05 9.36
CA TYR A 472 -8.65 -0.63 10.56
C TYR A 472 -8.44 -2.13 10.25
N PHE A 473 -9.44 -2.76 9.63
CA PHE A 473 -9.33 -4.18 9.28
C PHE A 473 -8.24 -4.40 8.23
N HIS A 474 -8.15 -3.49 7.27
CA HIS A 474 -7.14 -3.60 6.23
C HIS A 474 -5.73 -3.61 6.84
N GLU A 475 -5.43 -2.56 7.60
CA GLU A 475 -4.13 -2.44 8.24
C GLU A 475 -3.87 -3.63 9.18
N PHE A 476 -4.90 -4.09 9.87
CA PHE A 476 -4.68 -5.22 10.77
C PHE A 476 -4.41 -6.49 9.95
N GLY A 477 -4.85 -6.49 8.70
CA GLY A 477 -4.62 -7.65 7.85
C GLY A 477 -3.14 -7.76 7.57
N HIS A 478 -2.49 -6.61 7.41
CA HIS A 478 -1.05 -6.56 7.16
C HIS A 478 -0.30 -6.97 8.41
N VAL A 479 -0.81 -6.55 9.57
CA VAL A 479 -0.20 -6.86 10.86
C VAL A 479 -0.19 -8.36 11.13
N MET A 480 -1.29 -9.05 10.80
CA MET A 480 -1.34 -10.50 11.03
C MET A 480 -0.38 -11.22 10.08
N HIS A 481 -0.20 -10.66 8.89
CA HIS A 481 0.71 -11.25 7.90
C HIS A 481 2.12 -11.18 8.47
N GLN A 482 2.50 -9.99 8.95
CA GLN A 482 3.80 -9.74 9.55
C GLN A 482 4.05 -10.66 10.75
N ILE A 483 3.06 -10.78 11.62
CA ILE A 483 3.19 -11.60 12.82
C ILE A 483 3.08 -13.12 12.66
N CYS A 484 2.27 -13.59 11.70
CA CYS A 484 2.15 -15.04 11.53
C CYS A 484 3.22 -15.61 10.61
N ALA A 485 3.87 -14.74 9.84
CA ALA A 485 4.91 -15.18 8.92
C ALA A 485 6.18 -15.65 9.63
N GLN A 486 6.58 -16.87 9.34
CA GLN A 486 7.79 -17.45 9.96
C GLN A 486 8.65 -18.08 8.87
N THR A 487 9.86 -17.57 8.68
CA THR A 487 10.74 -18.10 7.65
C THR A 487 12.15 -18.27 8.21
N ASP A 488 13.01 -18.96 7.47
CA ASP A 488 14.40 -19.14 7.88
C ASP A 488 15.19 -17.86 7.64
N PHE A 489 14.90 -17.17 6.53
CA PHE A 489 15.62 -15.95 6.16
C PHE A 489 14.86 -14.64 6.31
N ALA A 490 15.54 -13.66 6.86
CA ALA A 490 14.97 -12.34 7.10
C ALA A 490 14.41 -11.72 5.82
N ARG A 491 15.09 -11.94 4.69
CA ARG A 491 14.62 -11.35 3.46
C ARG A 491 13.33 -11.94 2.90
N PHE A 492 12.85 -13.05 3.47
CA PHE A 492 11.62 -13.67 2.99
C PHE A 492 10.54 -13.63 4.07
N SER A 493 10.84 -12.93 5.15
CA SER A 493 9.91 -12.86 6.27
C SER A 493 8.88 -11.76 6.16
N GLY A 494 7.96 -11.76 7.12
CA GLY A 494 6.91 -10.76 7.17
C GLY A 494 6.08 -10.65 5.91
N THR A 495 5.97 -9.42 5.41
CA THR A 495 5.18 -9.13 4.23
C THR A 495 6.03 -9.03 2.96
N ASN A 496 7.22 -9.60 3.01
CA ASN A 496 8.12 -9.58 1.86
C ASN A 496 7.70 -10.55 0.73
N VAL A 497 6.49 -10.36 0.21
CA VAL A 497 6.00 -11.19 -0.87
C VAL A 497 5.95 -10.29 -2.10
N GLU A 498 5.51 -10.82 -3.24
CA GLU A 498 5.45 -10.02 -4.47
C GLU A 498 4.64 -8.75 -4.26
N ARG A 499 5.06 -7.67 -4.90
CA ARG A 499 4.36 -6.39 -4.77
C ARG A 499 2.90 -6.48 -5.21
N ASP A 500 2.57 -7.33 -6.18
CA ASP A 500 1.16 -7.44 -6.57
C ASP A 500 0.44 -8.53 -5.78
N PHE A 501 1.01 -8.89 -4.63
CA PHE A 501 0.43 -9.91 -3.76
C PHE A 501 0.30 -9.38 -2.33
N VAL A 502 1.06 -8.33 -2.00
CA VAL A 502 1.04 -7.77 -0.64
C VAL A 502 -0.31 -7.27 -0.19
N GLU A 503 -1.18 -6.89 -1.12
CA GLU A 503 -2.49 -6.39 -0.71
C GLU A 503 -3.55 -7.48 -0.71
N VAL A 504 -3.11 -8.73 -0.75
CA VAL A 504 -4.08 -9.84 -0.72
C VAL A 504 -4.57 -10.04 0.71
N PRO A 505 -3.64 -10.17 1.69
CA PRO A 505 -4.04 -10.36 3.08
C PRO A 505 -4.88 -9.20 3.62
N SER A 506 -4.57 -8.00 3.15
CA SER A 506 -5.27 -6.81 3.59
C SER A 506 -6.65 -6.65 2.95
N GLN A 507 -6.75 -6.72 1.63
CA GLN A 507 -8.06 -6.56 1.02
C GLN A 507 -9.04 -7.68 1.38
N MET A 508 -8.55 -8.89 1.64
CA MET A 508 -9.48 -9.95 1.99
C MET A 508 -10.13 -9.71 3.34
N LEU A 509 -9.37 -9.18 4.29
CA LEU A 509 -9.93 -8.92 5.61
C LEU A 509 -10.97 -7.82 5.63
N GLU A 510 -10.91 -6.94 4.62
CA GLU A 510 -11.86 -5.85 4.51
C GLU A 510 -13.30 -6.35 4.35
N ASN A 511 -13.45 -7.53 3.75
CA ASN A 511 -14.79 -8.11 3.52
C ASN A 511 -15.58 -8.31 4.80
N TRP A 512 -14.87 -8.45 5.92
CA TRP A 512 -15.54 -8.66 7.20
C TRP A 512 -16.34 -7.45 7.68
N VAL A 513 -15.98 -6.25 7.24
CA VAL A 513 -16.73 -5.07 7.68
C VAL A 513 -17.97 -4.84 6.83
N TRP A 514 -18.21 -5.74 5.87
CA TRP A 514 -19.39 -5.66 5.01
C TRP A 514 -20.21 -6.94 5.24
N ASP A 515 -20.02 -7.54 6.41
CA ASP A 515 -20.75 -8.75 6.82
C ASP A 515 -21.67 -8.37 7.97
N VAL A 516 -22.98 -8.58 7.77
CA VAL A 516 -23.97 -8.24 8.78
C VAL A 516 -23.67 -8.71 10.18
N ASP A 517 -23.36 -10.01 10.33
CA ASP A 517 -23.07 -10.54 11.66
C ASP A 517 -21.78 -10.03 12.28
N SER A 518 -20.76 -9.82 11.45
CA SER A 518 -19.50 -9.32 11.96
C SER A 518 -19.76 -7.90 12.48
N LEU A 519 -20.44 -7.10 11.65
CA LEU A 519 -20.77 -5.73 12.00
C LEU A 519 -21.45 -5.66 13.36
N ARG A 520 -22.27 -6.65 13.68
CA ARG A 520 -22.98 -6.71 14.94
C ARG A 520 -22.00 -6.76 16.11
N LYS A 521 -20.83 -7.36 15.88
CA LYS A 521 -19.82 -7.49 16.91
C LYS A 521 -18.91 -6.26 17.02
N LEU A 522 -18.98 -5.38 16.02
CA LEU A 522 -18.13 -4.19 16.01
C LEU A 522 -18.86 -2.89 16.33
N SER A 523 -20.13 -2.98 16.68
CA SER A 523 -20.92 -1.78 16.94
C SER A 523 -21.83 -1.82 18.15
N LYS A 524 -22.11 -0.63 18.67
CA LYS A 524 -22.95 -0.40 19.84
C LYS A 524 -23.02 1.12 19.94
N HIS A 525 -24.21 1.68 20.01
CA HIS A 525 -24.31 3.14 20.10
C HIS A 525 -23.48 3.62 21.29
N TYR A 526 -22.66 4.64 21.09
CA TYR A 526 -21.80 5.14 22.16
C TYR A 526 -22.56 5.64 23.39
N LYS A 527 -23.78 6.13 23.19
CA LYS A 527 -24.62 6.64 24.27
C LYS A 527 -25.29 5.54 25.09
N ASP A 528 -26.48 5.12 24.64
CA ASP A 528 -27.24 4.08 25.33
C ASP A 528 -26.81 2.67 24.96
N GLY A 529 -26.10 2.55 23.84
CA GLY A 529 -25.62 1.25 23.42
C GLY A 529 -26.56 0.38 22.60
N HIS A 530 -27.64 0.94 22.06
CA HIS A 530 -28.54 0.11 21.26
C HIS A 530 -27.82 -0.27 19.97
N PRO A 531 -28.13 -1.46 19.41
CA PRO A 531 -27.51 -1.93 18.18
C PRO A 531 -27.98 -1.21 16.92
N ILE A 532 -27.29 -1.46 15.82
CA ILE A 532 -27.64 -0.88 14.52
C ILE A 532 -28.84 -1.71 14.04
N THR A 533 -29.90 -1.04 13.62
CA THR A 533 -31.09 -1.75 13.15
C THR A 533 -30.80 -2.61 11.94
N ASP A 534 -31.53 -3.73 11.83
CA ASP A 534 -31.36 -4.64 10.70
C ASP A 534 -31.61 -3.90 9.40
N GLU A 535 -32.47 -2.90 9.44
CA GLU A 535 -32.78 -2.10 8.25
C GLU A 535 -31.55 -1.36 7.78
N LEU A 536 -30.84 -0.74 8.73
CA LEU A 536 -29.64 0.01 8.43
C LEU A 536 -28.52 -0.92 7.97
N LEU A 537 -28.37 -2.05 8.67
CA LEU A 537 -27.33 -3.02 8.32
C LEU A 537 -27.50 -3.50 6.88
N GLU A 538 -28.70 -3.95 6.52
CA GLU A 538 -28.96 -4.42 5.16
C GLU A 538 -28.70 -3.30 4.14
N LYS A 539 -29.04 -2.08 4.51
CA LYS A 539 -28.81 -0.95 3.61
C LYS A 539 -27.29 -0.75 3.42
N LEU A 540 -26.57 -0.80 4.54
CA LEU A 540 -25.11 -0.61 4.53
C LEU A 540 -24.38 -1.59 3.64
N VAL A 541 -24.61 -2.89 3.83
CA VAL A 541 -23.92 -3.89 3.02
C VAL A 541 -24.35 -3.87 1.58
N ALA A 542 -25.63 -3.59 1.33
CA ALA A 542 -26.13 -3.53 -0.04
C ALA A 542 -25.49 -2.36 -0.80
N SER A 543 -25.05 -1.34 -0.08
CA SER A 543 -24.45 -0.16 -0.71
C SER A 543 -22.98 -0.30 -1.12
N ARG A 544 -22.36 -1.40 -0.74
CA ARG A 544 -20.94 -1.60 -1.06
C ARG A 544 -20.51 -1.32 -2.49
N LEU A 545 -21.23 -1.85 -3.46
CA LEU A 545 -20.84 -1.67 -4.87
C LEU A 545 -21.39 -0.48 -5.66
N VAL A 546 -21.89 0.54 -4.97
CA VAL A 546 -22.39 1.72 -5.68
C VAL A 546 -21.24 2.33 -6.49
N ASN A 547 -21.49 2.62 -7.76
CA ASN A 547 -20.49 3.22 -8.63
C ASN A 547 -19.30 2.33 -9.00
N THR A 548 -19.29 1.05 -8.61
CA THR A 548 -18.15 0.17 -8.92
C THR A 548 -17.74 0.19 -10.38
N GLY A 549 -18.72 0.26 -11.27
CA GLY A 549 -18.43 0.26 -12.70
C GLY A 549 -17.43 1.33 -13.11
N LEU A 550 -17.80 2.58 -12.86
CA LEU A 550 -16.94 3.70 -13.21
C LEU A 550 -15.68 3.79 -12.33
N LEU A 551 -15.80 3.49 -11.04
CA LEU A 551 -14.64 3.53 -10.15
C LEU A 551 -13.57 2.52 -10.61
N THR A 552 -14.00 1.32 -10.95
CA THR A 552 -13.09 0.27 -11.40
C THR A 552 -12.52 0.59 -12.77
N LEU A 553 -13.37 1.06 -13.68
CA LEU A 553 -12.90 1.41 -15.01
C LEU A 553 -11.85 2.52 -14.84
N ARG A 554 -12.09 3.44 -13.91
CA ARG A 554 -11.12 4.50 -13.68
C ARG A 554 -9.76 3.93 -13.24
N GLN A 555 -9.77 2.93 -12.37
CA GLN A 555 -8.52 2.32 -11.92
C GLN A 555 -7.84 1.53 -13.01
N ILE A 556 -8.62 1.05 -13.99
CA ILE A 556 -8.03 0.29 -15.11
C ILE A 556 -7.32 1.28 -16.03
N VAL A 557 -7.93 2.44 -16.23
CA VAL A 557 -7.33 3.47 -17.08
C VAL A 557 -5.96 3.89 -16.54
N LEU A 558 -5.88 4.10 -15.23
CA LEU A 558 -4.61 4.50 -14.61
C LEU A 558 -3.62 3.36 -14.76
N SER A 559 -4.10 2.13 -14.62
CA SER A 559 -3.26 0.95 -14.75
C SER A 559 -2.72 0.84 -16.17
N LYS A 560 -3.55 1.19 -17.16
CA LYS A 560 -3.13 1.13 -18.56
C LYS A 560 -2.12 2.24 -18.84
N VAL A 561 -2.35 3.42 -18.31
CA VAL A 561 -1.42 4.52 -18.51
C VAL A 561 -0.06 4.07 -17.95
N ASP A 562 -0.08 3.51 -16.74
CA ASP A 562 1.13 3.04 -16.08
C ASP A 562 1.90 2.04 -16.94
N GLN A 563 1.25 0.97 -17.37
CA GLN A 563 1.89 -0.01 -18.23
C GLN A 563 2.44 0.64 -19.50
N SER A 564 1.65 1.54 -20.09
CA SER A 564 2.05 2.22 -21.32
C SER A 564 3.31 3.07 -21.16
N LEU A 565 3.42 3.81 -20.06
CA LEU A 565 4.59 4.65 -19.84
C LEU A 565 5.88 3.85 -19.63
N HIS A 566 5.77 2.55 -19.44
CA HIS A 566 6.97 1.74 -19.25
C HIS A 566 7.06 0.64 -20.29
N THR A 567 6.29 0.80 -21.35
CA THR A 567 6.27 -0.16 -22.45
C THR A 567 6.75 0.52 -23.73
N ASN A 568 6.33 1.77 -23.93
CA ASN A 568 6.71 2.53 -25.11
C ASN A 568 7.12 3.92 -24.64
N ALA A 569 8.41 4.12 -24.38
CA ALA A 569 8.92 5.40 -23.91
C ALA A 569 9.12 6.49 -24.96
N THR A 570 8.29 6.49 -26.00
CA THR A 570 8.38 7.51 -27.04
C THR A 570 7.03 8.20 -27.19
N LEU A 571 6.01 7.64 -26.55
CA LEU A 571 4.66 8.21 -26.61
C LEU A 571 4.45 9.35 -25.62
N ASP A 572 3.50 10.21 -25.96
CA ASP A 572 3.15 11.37 -25.13
C ASP A 572 2.20 10.97 -24.01
N ALA A 573 2.66 11.09 -22.77
CA ALA A 573 1.85 10.72 -21.61
C ALA A 573 0.42 11.22 -21.68
N ALA A 574 0.25 12.54 -21.71
CA ALA A 574 -1.08 13.14 -21.74
C ALA A 574 -2.00 12.54 -22.81
N SER A 575 -1.44 12.26 -23.99
CA SER A 575 -2.21 11.69 -25.08
C SER A 575 -2.63 10.26 -24.77
N GLU A 576 -1.72 9.50 -24.16
CA GLU A 576 -2.02 8.12 -23.81
C GLU A 576 -3.15 8.12 -22.79
N TYR A 577 -3.07 9.02 -21.81
CA TYR A 577 -4.08 9.15 -20.77
C TYR A 577 -5.45 9.48 -21.40
N ALA A 578 -5.46 10.46 -22.30
CA ALA A 578 -6.70 10.88 -22.95
C ALA A 578 -7.29 9.73 -23.77
N LYS A 579 -6.42 8.99 -24.44
CA LYS A 579 -6.87 7.86 -25.26
C LYS A 579 -7.67 6.85 -24.41
N TYR A 580 -7.07 6.41 -23.31
CA TYR A 580 -7.74 5.43 -22.45
C TYR A 580 -8.98 5.98 -21.74
N CYS A 581 -8.99 7.28 -21.46
CA CYS A 581 -10.15 7.87 -20.80
C CYS A 581 -11.41 7.71 -21.65
N THR A 582 -11.32 8.07 -22.92
CA THR A 582 -12.48 7.97 -23.79
C THR A 582 -12.86 6.54 -24.13
N GLU A 583 -11.85 5.70 -24.37
CA GLU A 583 -12.10 4.31 -24.72
C GLU A 583 -12.51 3.39 -23.59
N ILE A 584 -12.05 3.67 -22.37
CA ILE A 584 -12.37 2.81 -21.25
C ILE A 584 -13.36 3.38 -20.22
N LEU A 585 -13.19 4.64 -19.83
CA LEU A 585 -14.08 5.24 -18.84
C LEU A 585 -15.28 5.92 -19.46
N GLY A 586 -15.12 6.40 -20.69
CA GLY A 586 -16.21 7.07 -21.37
C GLY A 586 -16.38 8.49 -20.86
N VAL A 587 -15.33 9.01 -20.25
CA VAL A 587 -15.30 10.37 -19.75
C VAL A 587 -13.98 10.94 -20.25
N ALA A 588 -14.08 11.99 -21.06
CA ALA A 588 -12.91 12.60 -21.67
C ALA A 588 -12.00 13.34 -20.72
N ALA A 589 -10.70 13.29 -21.03
CA ALA A 589 -9.71 14.00 -20.24
C ALA A 589 -9.86 15.44 -20.70
N THR A 590 -9.78 16.38 -19.77
CA THR A 590 -9.93 17.77 -20.14
C THR A 590 -8.77 18.27 -20.99
N PRO A 591 -9.06 18.78 -22.20
CA PRO A 591 -8.04 19.29 -23.11
C PRO A 591 -7.18 20.35 -22.43
N GLY A 592 -5.87 20.22 -22.56
CA GLY A 592 -4.97 21.19 -21.93
C GLY A 592 -4.38 20.71 -20.61
N THR A 593 -5.03 19.74 -19.98
CA THR A 593 -4.52 19.22 -18.71
C THR A 593 -3.49 18.13 -18.97
N ASN A 594 -2.80 17.72 -17.92
CA ASN A 594 -1.79 16.67 -18.05
C ASN A 594 -1.78 15.87 -16.75
N MET A 595 -2.74 14.96 -16.62
CA MET A 595 -2.88 14.13 -15.44
C MET A 595 -1.58 13.39 -15.12
N PRO A 596 -0.99 12.68 -16.10
CA PRO A 596 0.26 11.95 -15.86
C PRO A 596 1.35 12.80 -15.21
N ALA A 597 1.37 14.09 -15.54
CA ALA A 597 2.36 14.99 -14.97
C ALA A 597 2.15 15.18 -13.46
N THR A 598 0.97 14.78 -12.97
CA THR A 598 0.67 14.91 -11.54
C THR A 598 0.54 13.53 -10.88
N PHE A 599 0.75 12.49 -11.68
CA PHE A 599 0.66 11.08 -11.26
C PHE A 599 1.87 10.68 -10.42
N GLY A 600 1.88 11.09 -9.15
CA GLY A 600 3.00 10.77 -8.26
C GLY A 600 3.44 9.32 -8.25
N HIS A 601 2.56 8.42 -8.67
CA HIS A 601 2.83 6.98 -8.72
C HIS A 601 3.93 6.59 -9.72
N LEU A 602 4.07 7.37 -10.78
CA LEU A 602 5.06 7.09 -11.81
C LEU A 602 6.52 7.22 -11.34
N ALA A 603 6.94 8.44 -11.07
CA ALA A 603 8.31 8.71 -10.62
C ALA A 603 8.67 7.82 -9.45
N GLY A 604 8.50 8.35 -8.24
CA GLY A 604 8.81 7.57 -7.05
C GLY A 604 7.72 6.57 -6.77
N GLY A 605 8.07 5.47 -6.10
CA GLY A 605 7.09 4.45 -5.76
C GLY A 605 7.25 3.16 -6.54
N TYR A 606 6.13 2.63 -7.02
CA TYR A 606 6.15 1.39 -7.77
C TYR A 606 5.53 1.54 -9.16
N ASP A 607 6.25 2.28 -10.01
CA ASP A 607 5.83 2.51 -11.39
C ASP A 607 5.85 1.17 -12.11
N GLY A 608 4.83 0.93 -12.92
CA GLY A 608 4.74 -0.33 -13.65
C GLY A 608 4.00 -1.35 -12.81
N GLN A 609 3.64 -0.95 -11.60
CA GLN A 609 2.93 -1.85 -10.69
C GLN A 609 1.57 -1.33 -10.23
N TYR A 610 1.05 -0.29 -10.86
CA TYR A 610 -0.24 0.24 -10.44
C TYR A 610 -1.38 -0.77 -10.49
N TYR A 611 -1.32 -1.69 -11.46
CA TYR A 611 -2.34 -2.73 -11.66
C TYR A 611 -2.41 -3.68 -10.45
N GLY A 612 -1.34 -3.74 -9.67
CA GLY A 612 -1.28 -4.62 -8.53
C GLY A 612 -2.46 -4.61 -7.55
N TYR A 613 -3.00 -3.45 -7.23
CA TYR A 613 -4.11 -3.40 -6.29
C TYR A 613 -5.34 -4.15 -6.81
N LEU A 614 -5.71 -3.90 -8.06
CA LEU A 614 -6.86 -4.56 -8.67
C LEU A 614 -6.55 -6.05 -8.83
N TRP A 615 -5.29 -6.36 -9.14
CA TRP A 615 -4.86 -7.74 -9.31
C TRP A 615 -5.01 -8.51 -7.99
N SER A 616 -4.62 -7.87 -6.89
CA SER A 616 -4.73 -8.48 -5.56
C SER A 616 -6.20 -8.69 -5.19
N GLU A 617 -7.04 -7.68 -5.42
CA GLU A 617 -8.46 -7.78 -5.06
C GLU A 617 -9.17 -8.96 -5.72
N VAL A 618 -8.80 -9.27 -6.96
CA VAL A 618 -9.41 -10.38 -7.67
C VAL A 618 -9.10 -11.66 -6.90
N PHE A 619 -7.83 -11.82 -6.54
CA PHE A 619 -7.35 -12.98 -5.79
C PHE A 619 -7.97 -13.13 -4.41
N SER A 620 -7.98 -12.03 -3.65
CA SER A 620 -8.56 -12.08 -2.32
C SER A 620 -10.04 -12.42 -2.41
N MET A 621 -10.72 -11.91 -3.43
CA MET A 621 -12.15 -12.19 -3.59
C MET A 621 -12.40 -13.68 -3.85
N ASP A 622 -11.45 -14.33 -4.53
CA ASP A 622 -11.58 -15.75 -4.83
C ASP A 622 -11.47 -16.58 -3.55
N MET A 623 -10.56 -16.18 -2.67
CA MET A 623 -10.38 -16.89 -1.41
C MET A 623 -11.55 -16.64 -0.45
N PHE A 624 -12.02 -15.41 -0.39
CA PHE A 624 -13.12 -15.08 0.51
C PHE A 624 -14.41 -15.80 0.15
N HIS A 625 -14.81 -15.74 -1.11
CA HIS A 625 -16.05 -16.40 -1.53
C HIS A 625 -15.95 -17.91 -1.66
N SER A 626 -14.91 -18.40 -2.33
CA SER A 626 -14.73 -19.84 -2.55
C SER A 626 -14.46 -20.66 -1.28
N CYS A 627 -13.90 -20.03 -0.24
CA CYS A 627 -13.60 -20.75 0.99
C CYS A 627 -14.31 -20.24 2.25
N PHE A 628 -14.15 -18.96 2.57
CA PHE A 628 -14.79 -18.47 3.78
C PHE A 628 -16.32 -18.43 3.67
N LYS A 629 -16.82 -17.91 2.56
CA LYS A 629 -18.27 -17.84 2.37
C LYS A 629 -18.89 -19.24 2.36
N LYS A 630 -18.21 -20.18 1.71
CA LYS A 630 -18.68 -21.56 1.60
C LYS A 630 -18.74 -22.28 2.96
N GLU A 631 -17.72 -22.09 3.79
CA GLU A 631 -17.65 -22.76 5.09
C GLU A 631 -18.14 -21.94 6.28
N GLY A 632 -18.36 -20.65 6.08
CA GLY A 632 -18.77 -19.79 7.18
C GLY A 632 -17.54 -18.93 7.44
N ILE A 633 -17.67 -17.62 7.37
CA ILE A 633 -16.51 -16.75 7.53
C ILE A 633 -15.81 -16.75 8.89
N MET A 634 -16.40 -17.41 9.88
CA MET A 634 -15.75 -17.48 11.19
C MET A 634 -15.36 -18.92 11.52
N ASN A 635 -15.33 -19.77 10.50
CA ASN A 635 -14.95 -21.17 10.65
C ASN A 635 -13.45 -21.27 10.94
N PRO A 636 -13.07 -21.78 12.12
CA PRO A 636 -11.67 -21.92 12.51
C PRO A 636 -10.83 -22.79 11.59
N GLU A 637 -11.46 -23.79 10.99
CA GLU A 637 -10.74 -24.68 10.07
C GLU A 637 -10.16 -23.88 8.91
N VAL A 638 -11.04 -23.22 8.15
CA VAL A 638 -10.62 -22.41 7.01
C VAL A 638 -9.70 -21.29 7.50
N GLY A 639 -10.01 -20.75 8.67
CA GLY A 639 -9.18 -19.69 9.23
C GLY A 639 -7.74 -20.13 9.42
N MET A 640 -7.53 -21.32 9.99
CA MET A 640 -6.20 -21.84 10.23
C MET A 640 -5.50 -22.21 8.92
N LYS A 641 -6.27 -22.63 7.92
CA LYS A 641 -5.69 -22.97 6.62
C LYS A 641 -5.12 -21.71 5.98
N TYR A 642 -5.86 -20.62 6.11
CA TYR A 642 -5.45 -19.34 5.56
C TYR A 642 -4.17 -18.88 6.25
N ARG A 643 -4.17 -18.93 7.58
CA ARG A 643 -3.00 -18.52 8.36
C ARG A 643 -1.78 -19.34 7.97
N ASN A 644 -1.91 -20.67 7.95
CA ASN A 644 -0.80 -21.55 7.61
C ASN A 644 -0.36 -21.59 6.15
N LEU A 645 -1.30 -21.50 5.22
CA LEU A 645 -0.95 -21.59 3.82
C LEU A 645 -0.69 -20.26 3.11
N ILE A 646 -1.29 -19.19 3.62
CA ILE A 646 -1.13 -17.87 3.02
C ILE A 646 -0.26 -16.90 3.81
N LEU A 647 -0.41 -16.89 5.13
CA LEU A 647 0.36 -15.96 5.96
C LEU A 647 1.71 -16.48 6.44
N LYS A 648 1.69 -17.63 7.10
CA LYS A 648 2.90 -18.23 7.69
C LYS A 648 4.15 -18.34 6.81
N PRO A 649 4.00 -18.71 5.53
CA PRO A 649 5.19 -18.83 4.68
C PRO A 649 5.82 -17.51 4.22
N GLY A 650 5.18 -16.40 4.51
CA GLY A 650 5.72 -15.12 4.10
C GLY A 650 6.14 -15.16 2.64
N GLY A 651 7.32 -14.60 2.35
CA GLY A 651 7.81 -14.59 0.97
C GLY A 651 8.71 -15.77 0.61
N SER A 652 8.67 -16.83 1.42
CA SER A 652 9.51 -17.98 1.14
C SER A 652 8.92 -18.87 0.03
N LEU A 653 7.72 -18.52 -0.42
CA LEU A 653 7.06 -19.27 -1.51
C LEU A 653 6.45 -18.27 -2.48
N ASP A 654 6.31 -18.66 -3.75
CA ASP A 654 5.70 -17.77 -4.75
C ASP A 654 4.22 -17.56 -4.43
N GLY A 655 3.74 -16.36 -4.73
CA GLY A 655 2.35 -16.03 -4.46
C GLY A 655 1.34 -17.01 -5.03
N MET A 656 1.49 -17.35 -6.31
CA MET A 656 0.56 -18.26 -6.96
C MET A 656 0.53 -19.65 -6.34
N ASP A 657 1.69 -20.12 -5.90
CA ASP A 657 1.76 -21.43 -5.28
C ASP A 657 0.97 -21.45 -3.97
N MET A 658 1.12 -20.40 -3.16
CA MET A 658 0.40 -20.34 -1.89
C MET A 658 -1.11 -20.29 -2.16
N LEU A 659 -1.52 -19.51 -3.15
CA LEU A 659 -2.94 -19.40 -3.48
C LEU A 659 -3.48 -20.78 -3.86
N GLN A 660 -2.72 -21.49 -4.69
CA GLN A 660 -3.12 -22.81 -5.15
C GLN A 660 -3.17 -23.81 -3.99
N ASN A 661 -2.22 -23.72 -3.06
CA ASN A 661 -2.20 -24.62 -1.90
C ASN A 661 -3.47 -24.39 -1.11
N PHE A 662 -3.83 -23.12 -0.96
CA PHE A 662 -5.03 -22.79 -0.19
C PHE A 662 -6.30 -23.18 -0.93
N LEU A 663 -6.39 -22.84 -2.21
CA LEU A 663 -7.57 -23.13 -3.01
C LEU A 663 -7.68 -24.58 -3.50
N GLN A 664 -6.54 -25.26 -3.63
CA GLN A 664 -6.51 -26.64 -4.13
C GLN A 664 -6.89 -26.61 -5.60
N ARG A 665 -6.58 -25.49 -6.25
CA ARG A 665 -6.83 -25.27 -7.67
C ARG A 665 -6.23 -23.92 -8.00
N GLU A 666 -6.12 -23.62 -9.28
CA GLU A 666 -5.58 -22.33 -9.68
C GLU A 666 -6.63 -21.25 -9.39
N PRO A 667 -6.19 -20.03 -9.10
CA PRO A 667 -7.17 -18.99 -8.82
C PRO A 667 -7.77 -18.54 -10.15
N ASN A 668 -8.87 -17.79 -10.08
CA ASN A 668 -9.52 -17.26 -11.27
C ASN A 668 -10.43 -16.12 -10.82
N GLN A 669 -10.93 -15.33 -11.76
CA GLN A 669 -11.74 -14.17 -11.41
C GLN A 669 -13.26 -14.35 -11.36
N LYS A 670 -13.74 -15.59 -11.35
CA LYS A 670 -15.19 -15.83 -11.32
C LYS A 670 -15.81 -15.15 -10.10
N ALA A 671 -15.27 -15.43 -8.92
CA ALA A 671 -15.76 -14.85 -7.68
C ALA A 671 -15.82 -13.33 -7.76
N PHE A 672 -14.74 -12.71 -8.23
CA PHE A 672 -14.69 -11.26 -8.37
C PHE A 672 -15.79 -10.77 -9.30
N LEU A 673 -15.94 -11.43 -10.43
CA LEU A 673 -16.97 -11.02 -11.39
C LEU A 673 -18.38 -11.20 -10.81
N MET A 674 -18.61 -12.30 -10.12
CA MET A 674 -19.93 -12.56 -9.52
C MET A 674 -20.33 -11.44 -8.56
N SER A 675 -19.37 -10.98 -7.75
CA SER A 675 -19.64 -9.90 -6.80
C SER A 675 -20.19 -8.66 -7.50
N ARG A 676 -19.60 -8.31 -8.63
CA ARG A 676 -20.04 -7.14 -9.39
C ARG A 676 -21.30 -7.40 -10.21
N GLY A 677 -21.76 -8.65 -10.21
CA GLY A 677 -22.95 -9.01 -10.96
C GLY A 677 -22.68 -9.19 -12.44
N LEU A 678 -21.40 -9.35 -12.77
CA LEU A 678 -20.99 -9.54 -14.15
C LEU A 678 -21.12 -11.00 -14.58
ZN ZN B . -2.32 -2.13 2.31
#